data_2Z8J
#
_entry.id   2Z8J
#
_cell.length_a   76.260
_cell.length_b   126.800
_cell.length_c   128.100
_cell.angle_alpha   90.00
_cell.angle_beta   90.00
_cell.angle_gamma   90.00
#
_symmetry.space_group_name_H-M   'P 21 21 21'
#
loop_
_entity.id
_entity.type
_entity.pdbx_description
1 polymer Gamma-glutamyltranspeptidase
2 polymer Gamma-glutamyltranspeptidase
3 non-polymer O-DIAZOACETYL-L-SERINE
4 water water
#
loop_
_entity_poly.entity_id
_entity_poly.type
_entity_poly.pdbx_seq_one_letter_code
_entity_poly.pdbx_strand_id
1 'polypeptide(L)'
;AAPPAPPVSYGVEEDVFHPVRAKQGMVASVDATATQVGVDILKEGGNAVDAAVAVGYALAVTHPQAGNLGGGGFMLIRSK
NGNTTAIDFREMAPAKATRDMFLDDQGNPDSKKSLTSHLASGTPGTVAGFSLALDKYGTMPLNKVVQPAFKLARDGFIVN
DALADDLKTYGSEVLPNHENSKAIFWKEGEPLKKGDTLVQANLAKSLEMIAENGPDEFYKGTIAEQIAQEMQKNGGLITK
EDLAAYKAVERTPISGDYRGYQVYSMPPPSSGGIHIVQILNILENFDMKKYGFGSADAMQIMAEAEKYAYADRSEYLGDP
DFVKVPWQALTNKAYAKSIADQIDINKAKPSSEIRPGKLAPYESNQ
;
A,C
2 'polypeptide(L)'
;TTHYSVVDKDGNAVAVTYTLNTTFGTGIVAGESGILLNNQMDDFSAKPGVPNVYGLVGGDANAVGPNKRPLSSMSPTIVV
KDGKTWLVTGSPGGSRIITTVLQMVVNSIDYGLNVAEATNAPRFHHQWLPDELRVEKGFSPDTLKLLEAKGQKVALKEAM
GSTQSIMVGPDGELYGASDPRSVDDLTAGY
;
B,D
#
# COMPACT_ATOMS: atom_id res chain seq x y z
N GLU A 14 5.46 14.38 1.60
CA GLU A 14 6.10 14.62 0.27
C GLU A 14 5.93 13.39 -0.64
N ASP A 15 6.28 12.23 -0.11
CA ASP A 15 6.13 10.99 -0.87
C ASP A 15 4.72 10.46 -0.65
N VAL A 16 4.18 9.76 -1.65
CA VAL A 16 2.86 9.18 -1.54
C VAL A 16 2.99 7.78 -0.94
N PHE A 17 4.13 7.13 -1.20
CA PHE A 17 4.38 5.79 -0.68
C PHE A 17 5.61 5.83 0.23
N HIS A 18 5.51 5.17 1.38
CA HIS A 18 6.60 5.16 2.35
C HIS A 18 7.12 3.76 2.66
N PRO A 19 8.45 3.59 2.65
CA PRO A 19 9.01 2.26 2.95
C PRO A 19 8.93 1.93 4.43
N VAL A 20 8.88 0.64 4.75
CA VAL A 20 8.87 0.18 6.14
C VAL A 20 10.31 0.49 6.57
N ARG A 21 10.52 0.87 7.82
CA ARG A 21 11.87 1.19 8.26
C ARG A 21 12.35 0.32 9.42
N ALA A 22 13.64 0.01 9.42
CA ALA A 22 14.23 -0.80 10.48
C ALA A 22 15.69 -0.36 10.59
N LYS A 23 16.26 -0.51 11.78
CA LYS A 23 17.64 -0.10 11.99
C LYS A 23 18.65 -1.25 12.02
N GLN A 24 18.18 -2.46 12.28
CA GLN A 24 19.08 -3.61 12.36
C GLN A 24 18.89 -4.64 11.25
N GLY A 25 17.78 -5.36 11.29
CA GLY A 25 17.54 -6.36 10.27
C GLY A 25 16.18 -6.21 9.62
N MET A 26 16.00 -6.84 8.46
CA MET A 26 14.74 -6.76 7.76
C MET A 26 14.50 -7.97 6.87
N VAL A 27 13.24 -8.37 6.78
CA VAL A 27 12.86 -9.48 5.92
C VAL A 27 11.62 -9.03 5.14
N ALA A 28 11.59 -9.31 3.86
CA ALA A 28 10.45 -8.99 3.03
C ALA A 28 10.04 -10.30 2.35
N SER A 29 8.78 -10.68 2.50
CA SER A 29 8.27 -11.92 1.89
C SER A 29 6.77 -11.83 1.61
N VAL A 30 6.27 -12.79 0.83
CA VAL A 30 4.87 -12.82 0.44
C VAL A 30 3.93 -13.22 1.57
N ASP A 31 4.46 -13.71 2.68
CA ASP A 31 3.61 -14.13 3.79
C ASP A 31 4.02 -13.57 5.15
N ALA A 32 3.05 -13.01 5.87
CA ALA A 32 3.29 -12.40 7.17
C ALA A 32 3.92 -13.35 8.19
N THR A 33 3.40 -14.57 8.27
CA THR A 33 3.94 -15.53 9.22
C THR A 33 5.40 -15.86 8.91
N ALA A 34 5.70 -16.16 7.64
CA ALA A 34 7.06 -16.49 7.22
C ALA A 34 8.03 -15.33 7.48
N THR A 35 7.60 -14.11 7.18
CA THR A 35 8.44 -12.93 7.40
C THR A 35 8.81 -12.84 8.88
N GLN A 36 7.79 -13.01 9.73
CA GLN A 36 7.97 -12.97 11.17
C GLN A 36 8.93 -14.06 11.65
N VAL A 37 8.94 -15.19 10.93
CA VAL A 37 9.84 -16.30 11.26
C VAL A 37 11.25 -15.82 10.96
N GLY A 38 11.38 -15.10 9.85
CA GLY A 38 12.67 -14.60 9.45
C GLY A 38 13.22 -13.63 10.47
N VAL A 39 12.39 -12.67 10.86
CA VAL A 39 12.79 -11.67 11.84
C VAL A 39 13.19 -12.29 13.18
N ASP A 40 12.38 -13.23 13.67
CA ASP A 40 12.70 -13.87 14.94
C ASP A 40 14.06 -14.57 14.89
N ILE A 41 14.38 -15.20 13.76
CA ILE A 41 15.67 -15.86 13.64
C ILE A 41 16.79 -14.81 13.66
N LEU A 42 16.57 -13.66 13.03
CA LEU A 42 17.59 -12.62 13.04
C LEU A 42 17.79 -12.10 14.47
N LYS A 43 16.68 -11.93 15.19
CA LYS A 43 16.72 -11.44 16.56
C LYS A 43 17.42 -12.43 17.48
N GLU A 44 17.46 -13.69 17.09
CA GLU A 44 18.12 -14.72 17.89
C GLU A 44 19.61 -14.76 17.56
N GLY A 45 20.05 -13.88 16.67
CA GLY A 45 21.45 -13.86 16.31
C GLY A 45 21.82 -14.59 15.03
N GLY A 46 20.83 -15.07 14.29
CA GLY A 46 21.15 -15.75 13.04
C GLY A 46 21.57 -14.72 12.00
N ASN A 47 22.24 -15.14 10.93
CA ASN A 47 22.65 -14.21 9.89
C ASN A 47 21.62 -14.21 8.75
N ALA A 48 21.84 -13.40 7.72
CA ALA A 48 20.90 -13.31 6.61
C ALA A 48 20.56 -14.68 6.00
N VAL A 49 21.57 -15.52 5.82
CA VAL A 49 21.37 -16.86 5.27
C VAL A 49 20.53 -17.74 6.20
N ASP A 50 20.78 -17.66 7.51
CA ASP A 50 20.02 -18.46 8.45
C ASP A 50 18.54 -18.06 8.36
N ALA A 51 18.29 -16.76 8.46
CA ALA A 51 16.94 -16.24 8.37
C ALA A 51 16.29 -16.69 7.05
N ALA A 52 17.04 -16.59 5.96
CA ALA A 52 16.53 -16.96 4.64
C ALA A 52 16.12 -18.43 4.51
N VAL A 53 16.84 -19.31 5.20
CA VAL A 53 16.52 -20.73 5.17
C VAL A 53 15.28 -21.00 6.03
N ALA A 54 15.19 -20.33 7.17
CA ALA A 54 14.04 -20.48 8.06
C ALA A 54 12.78 -19.98 7.36
N VAL A 55 12.90 -18.85 6.67
CA VAL A 55 11.78 -18.28 5.92
C VAL A 55 11.37 -19.27 4.82
N GLY A 56 12.38 -19.82 4.14
CA GLY A 56 12.11 -20.78 3.08
C GLY A 56 11.37 -22.02 3.58
N TYR A 57 11.72 -22.50 4.76
CA TYR A 57 11.03 -23.67 5.30
C TYR A 57 9.64 -23.27 5.79
N ALA A 58 9.54 -22.05 6.32
CA ALA A 58 8.25 -21.56 6.82
C ALA A 58 7.27 -21.42 5.66
N LEU A 59 7.73 -20.89 4.54
CA LEU A 59 6.87 -20.74 3.37
C LEU A 59 6.43 -22.09 2.79
N ALA A 60 7.27 -23.12 2.93
CA ALA A 60 6.90 -24.44 2.42
C ALA A 60 5.66 -24.95 3.15
N VAL A 61 5.34 -24.34 4.29
CA VAL A 61 4.19 -24.70 5.10
C VAL A 61 3.02 -23.70 5.01
N THR A 62 3.32 -22.41 5.12
CA THR A 62 2.29 -21.37 5.09
C THR A 62 1.92 -20.83 3.70
N HIS A 63 2.74 -21.17 2.71
CA HIS A 63 2.50 -20.73 1.35
C HIS A 63 2.75 -21.91 0.42
N PRO A 64 1.93 -22.97 0.53
CA PRO A 64 2.05 -24.18 -0.28
C PRO A 64 1.87 -23.92 -1.78
N GLN A 65 1.35 -22.74 -2.12
CA GLN A 65 1.15 -22.35 -3.51
C GLN A 65 2.49 -22.32 -4.26
N ALA A 66 3.52 -21.81 -3.59
CA ALA A 66 4.85 -21.67 -4.18
C ALA A 66 5.98 -22.04 -3.23
N GLY A 67 5.83 -21.72 -1.94
CA GLY A 67 6.83 -22.12 -0.97
C GLY A 67 6.88 -23.63 -1.09
N ASN A 68 8.02 -24.26 -0.84
CA ASN A 68 8.06 -25.69 -1.05
C ASN A 68 9.29 -26.46 -0.58
N LEU A 69 9.16 -27.78 -0.66
CA LEU A 69 10.22 -28.73 -0.36
C LEU A 69 10.28 -29.59 -1.63
N GLY A 70 9.21 -29.53 -2.42
CA GLY A 70 9.14 -30.31 -3.65
C GLY A 70 9.28 -29.52 -4.94
N GLY A 71 9.96 -28.38 -4.87
CA GLY A 71 10.15 -27.55 -6.05
C GLY A 71 11.62 -27.19 -6.19
N GLY A 72 11.88 -25.96 -6.65
CA GLY A 72 13.26 -25.54 -6.80
C GLY A 72 13.37 -24.04 -6.96
N GLY A 73 14.60 -23.54 -7.09
CA GLY A 73 14.76 -22.11 -7.28
C GLY A 73 16.21 -21.64 -7.26
N PHE A 74 16.36 -20.34 -7.04
CA PHE A 74 17.68 -19.71 -7.00
C PHE A 74 17.87 -18.85 -5.75
N MET A 75 19.13 -18.58 -5.43
CA MET A 75 19.46 -17.79 -4.27
C MET A 75 20.72 -16.97 -4.57
N LEU A 76 20.67 -15.68 -4.26
CA LEU A 76 21.81 -14.80 -4.44
C LEU A 76 22.23 -14.37 -3.03
N ILE A 77 23.51 -14.58 -2.70
CA ILE A 77 24.05 -14.24 -1.39
C ILE A 77 25.20 -13.23 -1.53
N ARG A 78 25.16 -12.16 -0.76
CA ARG A 78 26.27 -11.19 -0.81
C ARG A 78 26.64 -10.88 0.64
N SER A 79 27.85 -11.27 1.02
CA SER A 79 28.37 -11.04 2.35
C SER A 79 28.62 -9.55 2.59
N LYS A 80 28.75 -9.20 3.86
CA LYS A 80 29.05 -7.84 4.29
C LYS A 80 30.37 -7.38 3.68
N ASN A 81 31.25 -8.33 3.36
CA ASN A 81 32.56 -8.00 2.79
C ASN A 81 32.56 -7.87 1.27
N GLY A 82 31.39 -8.00 0.66
CA GLY A 82 31.30 -7.86 -0.78
C GLY A 82 31.26 -9.14 -1.58
N ASN A 83 31.67 -10.26 -0.98
CA ASN A 83 31.66 -11.53 -1.69
C ASN A 83 30.24 -11.87 -2.16
N THR A 84 30.05 -11.97 -3.47
CA THR A 84 28.74 -12.25 -4.05
C THR A 84 28.73 -13.59 -4.80
N THR A 85 27.74 -14.42 -4.47
CA THR A 85 27.66 -15.72 -5.11
C THR A 85 26.21 -16.17 -5.30
N ALA A 86 25.99 -17.08 -6.24
CA ALA A 86 24.66 -17.59 -6.50
C ALA A 86 24.58 -19.09 -6.26
N ILE A 87 23.49 -19.55 -5.65
CA ILE A 87 23.29 -20.97 -5.39
C ILE A 87 22.18 -21.44 -6.33
N ASP A 88 22.50 -22.40 -7.19
CA ASP A 88 21.52 -22.93 -8.13
C ASP A 88 20.95 -24.23 -7.59
N PHE A 89 19.73 -24.17 -7.04
CA PHE A 89 19.09 -25.38 -6.54
C PHE A 89 17.84 -25.67 -7.36
N ARG A 90 18.01 -25.51 -8.67
CA ARG A 90 16.98 -25.77 -9.66
C ARG A 90 16.80 -27.28 -9.79
N GLU A 91 15.63 -27.72 -10.23
CA GLU A 91 15.35 -29.16 -10.37
C GLU A 91 15.99 -29.79 -11.61
N MET A 92 16.43 -31.03 -11.45
CA MET A 92 17.04 -31.81 -12.53
C MET A 92 15.99 -32.78 -13.09
N ALA A 93 15.87 -32.84 -14.40
CA ALA A 93 14.93 -33.77 -15.01
C ALA A 93 15.37 -35.17 -14.60
N PRO A 94 14.44 -36.15 -14.62
CA PRO A 94 14.75 -37.52 -14.25
C PRO A 94 15.73 -38.14 -15.26
N ALA A 95 16.56 -39.07 -14.78
CA ALA A 95 17.50 -39.74 -15.66
C ALA A 95 16.79 -40.37 -16.86
N LYS A 96 15.57 -40.86 -16.62
CA LYS A 96 14.78 -41.50 -17.66
C LYS A 96 13.93 -40.53 -18.47
N ALA A 97 14.21 -39.24 -18.35
CA ALA A 97 13.47 -38.21 -19.08
C ALA A 97 13.98 -38.20 -20.52
N THR A 98 13.09 -37.95 -21.48
CA THR A 98 13.47 -37.93 -22.88
C THR A 98 12.95 -36.69 -23.61
N ARG A 99 13.65 -36.30 -24.66
CA ARG A 99 13.30 -35.11 -25.45
C ARG A 99 11.83 -34.95 -25.81
N ASP A 100 11.25 -35.99 -26.39
CA ASP A 100 9.86 -35.92 -26.84
C ASP A 100 8.85 -36.51 -25.86
N MET A 101 9.24 -36.65 -24.61
CA MET A 101 8.38 -37.23 -23.59
C MET A 101 7.00 -36.57 -23.43
N PHE A 102 6.89 -35.29 -23.77
CA PHE A 102 5.61 -34.59 -23.63
C PHE A 102 4.81 -34.48 -24.93
N LEU A 103 5.14 -35.31 -25.91
CA LEU A 103 4.43 -35.28 -27.18
C LEU A 103 3.36 -36.38 -27.27
N ASP A 104 2.21 -36.06 -27.85
CA ASP A 104 1.16 -37.05 -28.01
C ASP A 104 1.51 -37.92 -29.22
N ASP A 105 0.54 -38.70 -29.71
CA ASP A 105 0.78 -39.59 -30.85
C ASP A 105 0.98 -38.81 -32.16
N GLN A 106 0.42 -37.61 -32.23
CA GLN A 106 0.53 -36.76 -33.41
C GLN A 106 1.85 -35.99 -33.38
N GLY A 107 2.53 -36.03 -32.23
CA GLY A 107 3.79 -35.33 -32.11
C GLY A 107 3.64 -33.90 -31.61
N ASN A 108 2.50 -33.59 -30.99
CA ASN A 108 2.22 -32.26 -30.48
C ASN A 108 2.40 -32.22 -28.96
N PRO A 109 2.90 -31.09 -28.43
CA PRO A 109 3.10 -30.93 -26.98
C PRO A 109 1.78 -31.05 -26.22
N ASP A 110 1.74 -31.96 -25.25
CA ASP A 110 0.55 -32.14 -24.43
C ASP A 110 0.79 -31.40 -23.12
N SER A 111 0.13 -30.25 -22.97
CA SER A 111 0.28 -29.43 -21.78
C SER A 111 -0.12 -30.20 -20.51
N LYS A 112 -1.19 -30.98 -20.62
CA LYS A 112 -1.66 -31.78 -19.50
C LYS A 112 -0.52 -32.65 -18.96
N LYS A 113 0.23 -33.25 -19.87
CA LYS A 113 1.34 -34.11 -19.48
C LYS A 113 2.49 -33.35 -18.81
N SER A 114 2.75 -32.13 -19.26
CA SER A 114 3.83 -31.33 -18.69
C SER A 114 3.42 -30.45 -17.51
N LEU A 115 2.12 -30.44 -17.18
CA LEU A 115 1.64 -29.62 -16.08
C LEU A 115 0.90 -30.34 -14.95
N THR A 116 0.10 -31.35 -15.29
CA THR A 116 -0.68 -32.05 -14.28
C THR A 116 -0.35 -33.53 -13.99
N SER A 117 0.26 -34.23 -14.95
CA SER A 117 0.59 -35.64 -14.74
C SER A 117 1.85 -35.79 -13.89
N HIS A 118 2.16 -37.02 -13.47
CA HIS A 118 3.35 -37.27 -12.67
C HIS A 118 4.63 -37.06 -13.49
N LEU A 119 4.49 -36.82 -14.78
CA LEU A 119 5.64 -36.60 -15.66
C LEU A 119 6.11 -35.14 -15.68
N ALA A 120 5.32 -34.26 -15.09
CA ALA A 120 5.66 -32.84 -15.06
C ALA A 120 6.72 -32.49 -14.01
N SER A 121 6.98 -33.42 -13.11
CA SER A 121 7.93 -33.20 -12.01
C SER A 121 9.42 -33.43 -12.27
N GLY A 122 10.23 -32.54 -11.69
CA GLY A 122 11.68 -32.65 -11.80
C GLY A 122 12.19 -32.99 -10.41
N THR A 123 13.38 -33.57 -10.30
CA THR A 123 13.91 -33.90 -8.97
C THR A 123 14.09 -32.57 -8.23
N PRO A 124 13.33 -32.37 -7.13
CA PRO A 124 13.36 -31.15 -6.29
C PRO A 124 14.74 -30.78 -5.72
N GLY A 125 15.08 -29.50 -5.80
CA GLY A 125 16.37 -29.05 -5.27
C GLY A 125 16.36 -28.15 -4.05
N THR A 126 15.18 -27.70 -3.60
CA THR A 126 15.10 -26.80 -2.44
C THR A 126 15.84 -27.28 -1.19
N VAL A 127 15.56 -28.49 -0.72
CA VAL A 127 16.25 -28.97 0.47
C VAL A 127 17.77 -28.91 0.27
N ALA A 128 18.21 -29.31 -0.92
CA ALA A 128 19.64 -29.31 -1.26
C ALA A 128 20.22 -27.89 -1.19
N GLY A 129 19.65 -27.00 -2.02
CA GLY A 129 20.11 -25.62 -2.06
C GLY A 129 20.15 -24.93 -0.72
N PHE A 130 19.12 -25.13 0.11
CA PHE A 130 19.09 -24.52 1.42
C PHE A 130 20.20 -25.05 2.35
N SER A 131 20.44 -26.36 2.30
CA SER A 131 21.46 -26.96 3.14
C SER A 131 22.87 -26.55 2.70
N LEU A 132 23.07 -26.45 1.39
CA LEU A 132 24.37 -26.04 0.86
C LEU A 132 24.66 -24.64 1.39
N ALA A 133 23.73 -23.72 1.13
CA ALA A 133 23.86 -22.34 1.57
C ALA A 133 24.00 -22.27 3.10
N LEU A 134 23.18 -23.03 3.81
CA LEU A 134 23.24 -23.00 5.25
C LEU A 134 24.57 -23.51 5.82
N ASP A 135 25.07 -24.62 5.29
CA ASP A 135 26.32 -25.19 5.78
C ASP A 135 27.53 -24.33 5.46
N LYS A 136 27.59 -23.82 4.24
CA LYS A 136 28.71 -22.98 3.83
C LYS A 136 28.63 -21.53 4.28
N TYR A 137 27.44 -20.92 4.17
CA TYR A 137 27.26 -19.52 4.53
C TYR A 137 26.44 -19.21 5.78
N GLY A 138 25.79 -20.22 6.37
CA GLY A 138 25.00 -19.98 7.56
C GLY A 138 25.80 -20.13 8.83
N THR A 139 25.11 -20.05 9.97
CA THR A 139 25.75 -20.21 11.27
C THR A 139 24.90 -21.03 12.23
N MET A 140 23.70 -21.40 11.80
CA MET A 140 22.81 -22.20 12.64
C MET A 140 22.66 -23.62 12.09
N PRO A 141 22.44 -24.61 12.97
CA PRO A 141 22.28 -26.00 12.50
C PRO A 141 20.91 -26.10 11.83
N LEU A 142 20.78 -26.98 10.84
CA LEU A 142 19.53 -27.16 10.13
C LEU A 142 18.32 -27.36 11.03
N ASN A 143 18.48 -28.14 12.10
CA ASN A 143 17.38 -28.41 13.01
C ASN A 143 16.77 -27.13 13.59
N LYS A 144 17.62 -26.13 13.88
CA LYS A 144 17.15 -24.87 14.45
C LYS A 144 16.31 -24.02 13.48
N VAL A 145 16.73 -23.93 12.23
CA VAL A 145 16.00 -23.11 11.26
C VAL A 145 14.75 -23.77 10.69
N VAL A 146 14.61 -25.07 10.88
CA VAL A 146 13.45 -25.78 10.38
C VAL A 146 12.37 -25.86 11.46
N GLN A 147 12.75 -25.69 12.72
CA GLN A 147 11.81 -25.77 13.82
C GLN A 147 10.56 -24.89 13.67
N PRO A 148 10.72 -23.62 13.23
CA PRO A 148 9.53 -22.76 13.08
C PRO A 148 8.50 -23.35 12.12
N ALA A 149 8.97 -23.82 10.96
CA ALA A 149 8.09 -24.43 9.98
C ALA A 149 7.46 -25.69 10.56
N PHE A 150 8.26 -26.49 11.28
CA PHE A 150 7.76 -27.72 11.88
C PHE A 150 6.54 -27.49 12.76
N LYS A 151 6.61 -26.49 13.64
CA LYS A 151 5.51 -26.18 14.53
C LYS A 151 4.27 -25.72 13.73
N LEU A 152 4.50 -24.94 12.69
CA LEU A 152 3.41 -24.45 11.85
C LEU A 152 2.67 -25.60 11.15
N ALA A 153 3.41 -26.63 10.75
CA ALA A 153 2.80 -27.76 10.09
C ALA A 153 2.09 -28.63 11.13
N ARG A 154 2.77 -28.90 12.24
CA ARG A 154 2.21 -29.73 13.31
C ARG A 154 0.95 -29.13 13.94
N ASP A 155 1.05 -27.87 14.38
CA ASP A 155 -0.06 -27.19 15.03
C ASP A 155 -1.03 -26.45 14.11
N GLY A 156 -0.63 -26.24 12.86
CA GLY A 156 -1.49 -25.54 11.92
C GLY A 156 -1.54 -24.03 12.06
N PHE A 157 -2.17 -23.38 11.07
CA PHE A 157 -2.29 -21.92 11.08
C PHE A 157 -3.60 -21.54 10.39
N ILE A 158 -4.03 -20.30 10.61
CA ILE A 158 -5.29 -19.81 10.05
C ILE A 158 -5.17 -19.44 8.57
N VAL A 159 -6.09 -19.95 7.75
CA VAL A 159 -6.10 -19.67 6.32
C VAL A 159 -6.49 -18.21 6.14
N ASN A 160 -5.68 -17.44 5.42
CA ASN A 160 -5.96 -16.02 5.20
C ASN A 160 -6.60 -15.83 3.83
N ASP A 161 -6.77 -14.58 3.40
CA ASP A 161 -7.38 -14.32 2.09
C ASP A 161 -6.55 -14.85 0.93
N ALA A 162 -5.25 -14.59 0.94
CA ALA A 162 -4.39 -15.05 -0.14
C ALA A 162 -4.53 -16.55 -0.35
N LEU A 163 -4.28 -17.33 0.70
CA LEU A 163 -4.34 -18.79 0.59
C LEU A 163 -5.74 -19.26 0.19
N ALA A 164 -6.77 -18.71 0.84
CA ALA A 164 -8.16 -19.10 0.54
C ALA A 164 -8.46 -18.83 -0.94
N ASP A 165 -8.08 -17.65 -1.42
CA ASP A 165 -8.30 -17.28 -2.81
C ASP A 165 -7.56 -18.20 -3.78
N ASP A 166 -6.28 -18.48 -3.48
CA ASP A 166 -5.49 -19.37 -4.34
C ASP A 166 -6.04 -20.80 -4.35
N LEU A 167 -6.46 -21.30 -3.19
CA LEU A 167 -7.03 -22.66 -3.10
C LEU A 167 -8.27 -22.82 -3.98
N LYS A 168 -9.13 -21.82 -3.94
CA LYS A 168 -10.37 -21.82 -4.71
C LYS A 168 -10.11 -21.66 -6.22
N THR A 169 -9.37 -20.62 -6.57
CA THR A 169 -9.08 -20.31 -7.96
C THR A 169 -8.16 -21.29 -8.70
N TYR A 170 -7.03 -21.64 -8.10
CA TYR A 170 -6.08 -22.55 -8.74
C TYR A 170 -6.07 -23.96 -8.15
N GLY A 171 -6.25 -24.05 -6.84
CA GLY A 171 -6.25 -25.35 -6.19
C GLY A 171 -7.32 -26.29 -6.70
N SER A 172 -8.50 -25.75 -6.95
CA SER A 172 -9.64 -26.53 -7.43
C SER A 172 -9.36 -27.36 -8.68
N GLU A 173 -8.50 -26.84 -9.55
CA GLU A 173 -8.20 -27.51 -10.79
C GLU A 173 -7.25 -28.70 -10.67
N VAL A 174 -6.58 -28.85 -9.52
CA VAL A 174 -5.65 -29.95 -9.36
C VAL A 174 -5.72 -30.70 -8.02
N LEU A 175 -5.75 -29.95 -6.92
CA LEU A 175 -5.77 -30.58 -5.60
C LEU A 175 -6.84 -31.64 -5.33
N PRO A 176 -8.11 -31.38 -5.69
CA PRO A 176 -9.11 -32.42 -5.41
C PRO A 176 -9.03 -33.67 -6.29
N ASN A 177 -8.15 -33.65 -7.28
CA ASN A 177 -7.98 -34.80 -8.18
C ASN A 177 -7.05 -35.88 -7.65
N HIS A 178 -6.40 -35.61 -6.52
CA HIS A 178 -5.49 -36.60 -5.94
C HIS A 178 -5.86 -36.80 -4.48
N GLU A 179 -6.14 -38.06 -4.12
CA GLU A 179 -6.55 -38.42 -2.77
C GLU A 179 -5.73 -37.85 -1.61
N ASN A 180 -4.41 -37.96 -1.67
CA ASN A 180 -3.60 -37.44 -0.58
C ASN A 180 -3.62 -35.91 -0.51
N SER A 181 -3.68 -35.26 -1.67
CA SER A 181 -3.74 -33.80 -1.73
C SER A 181 -5.07 -33.28 -1.20
N LYS A 182 -6.18 -33.89 -1.66
CA LYS A 182 -7.52 -33.50 -1.25
C LYS A 182 -7.70 -33.65 0.26
N ALA A 183 -7.14 -34.71 0.82
CA ALA A 183 -7.26 -34.96 2.25
C ALA A 183 -6.63 -33.84 3.08
N ILE A 184 -5.66 -33.13 2.50
CA ILE A 184 -4.96 -32.05 3.20
C ILE A 184 -5.52 -30.65 3.02
N PHE A 185 -5.85 -30.31 1.77
CA PHE A 185 -6.32 -28.97 1.45
C PHE A 185 -7.82 -28.76 1.27
N TRP A 186 -8.59 -29.84 1.20
CA TRP A 186 -10.03 -29.74 1.01
C TRP A 186 -10.79 -30.07 2.30
N LYS A 187 -11.93 -29.41 2.49
CA LYS A 187 -12.75 -29.63 3.67
C LYS A 187 -14.22 -29.61 3.26
N GLU A 188 -14.94 -30.66 3.64
CA GLU A 188 -16.36 -30.79 3.30
C GLU A 188 -16.63 -30.57 1.82
N GLY A 189 -15.82 -31.21 0.97
CA GLY A 189 -15.99 -31.12 -0.47
C GLY A 189 -15.64 -29.78 -1.09
N GLU A 190 -15.05 -28.89 -0.30
CA GLU A 190 -14.68 -27.57 -0.79
C GLU A 190 -13.27 -27.20 -0.32
N PRO A 191 -12.63 -26.23 -1.00
CA PRO A 191 -11.28 -25.83 -0.58
C PRO A 191 -11.38 -25.16 0.79
N LEU A 192 -10.34 -25.26 1.61
CA LEU A 192 -10.35 -24.60 2.91
C LEU A 192 -10.72 -23.13 2.70
N LYS A 193 -11.53 -22.58 3.60
CA LYS A 193 -11.97 -21.19 3.48
C LYS A 193 -11.20 -20.30 4.46
N LYS A 194 -11.26 -19.00 4.22
CA LYS A 194 -10.60 -18.03 5.09
C LYS A 194 -11.14 -18.26 6.51
N GLY A 195 -10.25 -18.31 7.49
CA GLY A 195 -10.70 -18.54 8.85
C GLY A 195 -10.54 -20.00 9.28
N ASP A 196 -10.52 -20.92 8.31
CA ASP A 196 -10.33 -22.35 8.66
C ASP A 196 -8.89 -22.52 9.14
N THR A 197 -8.59 -23.68 9.75
CA THR A 197 -7.23 -23.97 10.21
C THR A 197 -6.60 -25.04 9.32
N LEU A 198 -5.38 -24.81 8.88
CA LEU A 198 -4.69 -25.77 8.04
C LEU A 198 -3.56 -26.45 8.81
N VAL A 199 -3.76 -27.74 9.09
CA VAL A 199 -2.76 -28.55 9.80
C VAL A 199 -2.21 -29.53 8.78
N GLN A 200 -0.89 -29.67 8.75
CA GLN A 200 -0.27 -30.59 7.79
C GLN A 200 0.60 -31.58 8.57
N ALA A 201 -0.05 -32.60 9.11
CA ALA A 201 0.59 -33.62 9.92
C ALA A 201 1.70 -34.38 9.19
N ASN A 202 1.45 -34.79 7.95
CA ASN A 202 2.46 -35.52 7.20
C ASN A 202 3.69 -34.68 6.90
N LEU A 203 3.46 -33.43 6.48
CA LEU A 203 4.55 -32.50 6.19
C LEU A 203 5.37 -32.30 7.46
N ALA A 204 4.69 -32.16 8.60
CA ALA A 204 5.37 -31.97 9.88
C ALA A 204 6.33 -33.13 10.13
N LYS A 205 5.91 -34.35 9.82
CA LYS A 205 6.75 -35.51 10.03
C LYS A 205 7.97 -35.41 9.11
N SER A 206 7.75 -35.04 7.86
CA SER A 206 8.86 -34.89 6.92
C SER A 206 9.85 -33.84 7.47
N LEU A 207 9.32 -32.67 7.82
CA LEU A 207 10.13 -31.60 8.36
C LEU A 207 10.89 -32.05 9.60
N GLU A 208 10.21 -32.80 10.46
CA GLU A 208 10.79 -33.31 11.68
C GLU A 208 11.93 -34.27 11.39
N MET A 209 11.82 -35.03 10.30
CA MET A 209 12.84 -36.00 9.92
C MET A 209 14.04 -35.30 9.28
N ILE A 210 13.78 -34.26 8.51
CA ILE A 210 14.86 -33.50 7.88
C ILE A 210 15.69 -32.84 8.98
N ALA A 211 15.02 -32.20 9.92
CA ALA A 211 15.69 -31.52 11.02
C ALA A 211 16.56 -32.49 11.82
N GLU A 212 16.25 -33.78 11.73
CA GLU A 212 17.00 -34.78 12.47
C GLU A 212 18.09 -35.51 11.69
N ASN A 213 17.77 -35.94 10.47
CA ASN A 213 18.75 -36.66 9.66
C ASN A 213 19.37 -35.83 8.54
N GLY A 214 19.10 -34.53 8.54
CA GLY A 214 19.66 -33.66 7.52
C GLY A 214 19.00 -33.85 6.18
N PRO A 215 19.51 -33.15 5.15
CA PRO A 215 18.99 -33.21 3.77
C PRO A 215 18.91 -34.60 3.14
N ASP A 216 19.68 -35.56 3.65
CA ASP A 216 19.63 -36.90 3.06
C ASP A 216 18.29 -37.58 3.34
N GLU A 217 17.63 -37.17 4.41
CA GLU A 217 16.32 -37.71 4.77
C GLU A 217 15.41 -37.54 3.55
N PHE A 218 15.63 -36.46 2.80
CA PHE A 218 14.85 -36.16 1.62
C PHE A 218 15.31 -36.92 0.37
N TYR A 219 16.60 -36.84 0.09
CA TYR A 219 17.16 -37.47 -1.10
C TYR A 219 17.51 -38.95 -0.99
N LYS A 220 17.54 -39.49 0.23
CA LYS A 220 17.88 -40.90 0.42
C LYS A 220 16.97 -41.60 1.44
N GLY A 221 16.51 -40.83 2.43
CA GLY A 221 15.67 -41.39 3.47
C GLY A 221 14.22 -41.68 3.13
N THR A 222 13.39 -41.71 4.16
CA THR A 222 11.96 -41.99 4.01
C THR A 222 11.28 -41.15 2.93
N ILE A 223 11.48 -39.83 2.98
CA ILE A 223 10.87 -38.94 2.00
C ILE A 223 11.23 -39.34 0.56
N ALA A 224 12.47 -39.74 0.35
CA ALA A 224 12.90 -40.16 -0.98
C ALA A 224 12.09 -41.37 -1.42
N GLU A 225 11.88 -42.29 -0.48
CA GLU A 225 11.11 -43.51 -0.73
C GLU A 225 9.67 -43.14 -1.12
N GLN A 226 9.06 -42.27 -0.34
CA GLN A 226 7.70 -41.82 -0.59
C GLN A 226 7.57 -41.18 -1.97
N ILE A 227 8.54 -40.35 -2.34
CA ILE A 227 8.52 -39.69 -3.65
C ILE A 227 8.67 -40.71 -4.79
N ALA A 228 9.62 -41.62 -4.62
CA ALA A 228 9.85 -42.65 -5.63
C ALA A 228 8.62 -43.52 -5.85
N GLN A 229 8.00 -43.98 -4.76
CA GLN A 229 6.82 -44.82 -4.86
C GLN A 229 5.64 -44.09 -5.50
N GLU A 230 5.46 -42.82 -5.14
CA GLU A 230 4.39 -42.01 -5.70
C GLU A 230 4.53 -41.97 -7.22
N MET A 231 5.77 -41.86 -7.70
CA MET A 231 6.04 -41.80 -9.13
C MET A 231 5.85 -43.15 -9.83
N GLN A 232 6.45 -44.18 -9.24
CA GLN A 232 6.37 -45.53 -9.77
C GLN A 232 4.94 -46.00 -9.96
N LYS A 233 4.13 -45.86 -8.92
CA LYS A 233 2.74 -46.30 -8.97
C LYS A 233 1.83 -45.47 -9.89
N ASN A 234 2.34 -44.35 -10.41
CA ASN A 234 1.51 -43.50 -11.28
C ASN A 234 2.11 -43.12 -12.64
N GLY A 235 3.24 -43.69 -12.99
CA GLY A 235 3.83 -43.37 -14.27
C GLY A 235 4.87 -42.25 -14.23
N GLY A 236 5.31 -41.88 -13.04
CA GLY A 236 6.32 -40.83 -12.92
C GLY A 236 7.68 -41.42 -13.25
N LEU A 237 8.72 -40.58 -13.24
CA LEU A 237 10.07 -41.04 -13.56
C LEU A 237 11.08 -40.83 -12.42
N ILE A 238 10.75 -39.96 -11.49
CA ILE A 238 11.66 -39.71 -10.38
C ILE A 238 11.89 -40.97 -9.56
N THR A 239 13.11 -41.50 -9.62
CA THR A 239 13.50 -42.71 -8.88
C THR A 239 14.43 -42.33 -7.73
N LYS A 240 14.73 -43.30 -6.87
CA LYS A 240 15.61 -43.03 -5.74
C LYS A 240 17.02 -42.68 -6.21
N GLU A 241 17.38 -43.14 -7.40
CA GLU A 241 18.71 -42.83 -7.95
C GLU A 241 18.77 -41.35 -8.30
N ASP A 242 17.68 -40.85 -8.88
CA ASP A 242 17.58 -39.44 -9.25
C ASP A 242 17.78 -38.56 -8.01
N LEU A 243 17.01 -38.83 -6.98
CA LEU A 243 17.08 -38.08 -5.73
C LEU A 243 18.48 -38.17 -5.10
N ALA A 244 19.12 -39.32 -5.26
CA ALA A 244 20.45 -39.51 -4.70
C ALA A 244 21.50 -38.79 -5.56
N ALA A 245 21.23 -38.69 -6.86
CA ALA A 245 22.15 -38.05 -7.79
C ALA A 245 21.91 -36.55 -7.95
N TYR A 246 21.06 -35.98 -7.09
CA TYR A 246 20.78 -34.56 -7.19
C TYR A 246 21.79 -33.75 -6.36
N LYS A 247 22.06 -32.53 -6.82
CA LYS A 247 22.96 -31.66 -6.09
C LYS A 247 22.74 -30.18 -6.42
N ALA A 248 22.81 -29.34 -5.39
CA ALA A 248 22.66 -27.91 -5.61
C ALA A 248 24.03 -27.48 -6.14
N VAL A 249 24.08 -26.41 -6.94
CA VAL A 249 25.33 -25.96 -7.51
C VAL A 249 25.64 -24.47 -7.34
N GLU A 250 26.71 -24.17 -6.63
CA GLU A 250 27.11 -22.79 -6.43
C GLU A 250 27.75 -22.31 -7.73
N ARG A 251 27.22 -21.23 -8.31
CA ARG A 251 27.74 -20.68 -9.56
C ARG A 251 28.05 -19.18 -9.48
N THR A 252 28.86 -18.71 -10.43
CA THR A 252 29.25 -17.31 -10.51
C THR A 252 28.08 -16.42 -10.97
N PRO A 253 27.73 -15.41 -10.17
CA PRO A 253 26.64 -14.51 -10.53
C PRO A 253 26.94 -13.79 -11.84
N ILE A 254 25.89 -13.43 -12.56
CA ILE A 254 26.05 -12.67 -13.79
C ILE A 254 25.94 -11.23 -13.28
N SER A 255 26.74 -10.33 -13.82
CA SER A 255 26.68 -8.94 -13.37
C SER A 255 27.04 -7.93 -14.45
N GLY A 256 26.66 -6.68 -14.20
CA GLY A 256 26.93 -5.60 -15.12
C GLY A 256 27.10 -4.31 -14.35
N ASP A 257 27.26 -3.21 -15.08
CA ASP A 257 27.42 -1.91 -14.45
C ASP A 257 26.46 -0.98 -15.18
N TYR A 258 25.58 -0.32 -14.43
CA TYR A 258 24.59 0.61 -14.98
C TYR A 258 24.73 1.98 -14.31
N ARG A 259 25.29 2.93 -15.05
CA ARG A 259 25.48 4.28 -14.56
C ARG A 259 26.26 4.36 -13.25
N GLY A 260 27.22 3.45 -13.08
CA GLY A 260 28.03 3.48 -11.87
C GLY A 260 27.60 2.52 -10.77
N TYR A 261 26.43 1.92 -10.95
CA TYR A 261 25.87 0.96 -10.01
C TYR A 261 26.18 -0.43 -10.57
N GLN A 262 26.60 -1.36 -9.72
CA GLN A 262 26.84 -2.71 -10.22
C GLN A 262 25.60 -3.55 -9.89
N VAL A 263 25.17 -4.34 -10.86
CA VAL A 263 23.99 -5.18 -10.73
C VAL A 263 24.41 -6.65 -10.81
N TYR A 264 23.95 -7.45 -9.86
CA TYR A 264 24.27 -8.88 -9.80
C TYR A 264 22.96 -9.68 -9.82
N SER A 265 22.90 -10.70 -10.68
CA SER A 265 21.71 -11.52 -10.75
C SER A 265 22.07 -12.98 -10.99
N MET A 266 21.08 -13.80 -11.32
CA MET A 266 21.31 -15.23 -11.54
C MET A 266 21.84 -15.58 -12.93
N PRO A 267 22.86 -16.44 -12.99
CA PRO A 267 23.46 -16.87 -14.26
C PRO A 267 22.67 -18.12 -14.66
N PRO A 268 22.95 -18.70 -15.84
CA PRO A 268 22.25 -19.90 -16.28
C PRO A 268 22.45 -20.97 -15.20
N PRO A 269 21.51 -21.92 -15.05
CA PRO A 269 20.26 -22.20 -15.75
C PRO A 269 19.21 -21.09 -15.82
N SER A 270 19.42 -20.02 -15.07
CA SER A 270 18.45 -18.93 -15.15
C SER A 270 18.87 -18.00 -16.29
N SER A 271 17.88 -17.40 -16.93
CA SER A 271 18.14 -16.47 -18.00
C SER A 271 17.94 -15.09 -17.35
N GLY A 272 17.55 -15.11 -16.08
CA GLY A 272 17.31 -13.87 -15.37
C GLY A 272 18.48 -12.90 -15.45
N GLY A 273 19.57 -13.25 -14.80
CA GLY A 273 20.73 -12.39 -14.78
C GLY A 273 21.15 -11.79 -16.11
N ILE A 274 21.48 -12.65 -17.07
CA ILE A 274 21.95 -12.22 -18.39
C ILE A 274 21.13 -11.13 -19.08
N HIS A 275 19.82 -11.35 -19.17
CA HIS A 275 18.96 -10.40 -19.88
C HIS A 275 18.63 -9.10 -19.13
N ILE A 276 18.66 -9.14 -17.80
CA ILE A 276 18.43 -7.91 -17.06
C ILE A 276 19.64 -7.01 -17.36
N VAL A 277 20.82 -7.59 -17.33
CA VAL A 277 22.05 -6.85 -17.58
C VAL A 277 22.08 -6.36 -19.02
N GLN A 278 21.72 -7.26 -19.95
CA GLN A 278 21.69 -6.92 -21.36
C GLN A 278 20.83 -5.68 -21.60
N ILE A 279 19.58 -5.70 -21.12
CA ILE A 279 18.66 -4.59 -21.30
C ILE A 279 19.20 -3.33 -20.62
N LEU A 280 19.74 -3.46 -19.42
CA LEU A 280 20.28 -2.28 -18.76
C LEU A 280 21.40 -1.68 -19.63
N ASN A 281 22.25 -2.53 -20.19
CA ASN A 281 23.31 -2.02 -21.06
C ASN A 281 22.67 -1.24 -22.22
N ILE A 282 21.61 -1.78 -22.77
CA ILE A 282 20.93 -1.12 -23.89
C ILE A 282 20.42 0.24 -23.42
N LEU A 283 19.67 0.23 -22.31
CA LEU A 283 19.10 1.47 -21.75
C LEU A 283 20.14 2.52 -21.37
N GLU A 284 21.31 2.08 -20.93
CA GLU A 284 22.35 3.02 -20.53
C GLU A 284 22.61 4.05 -21.63
N ASN A 285 22.37 3.67 -22.88
CA ASN A 285 22.60 4.54 -24.02
C ASN A 285 21.54 5.64 -24.18
N PHE A 286 20.65 5.76 -23.20
CA PHE A 286 19.60 6.77 -23.25
C PHE A 286 19.56 7.58 -21.95
N ASP A 287 19.04 8.80 -22.04
CA ASP A 287 18.92 9.66 -20.86
C ASP A 287 17.55 9.38 -20.24
N MET A 288 17.35 8.13 -19.81
CA MET A 288 16.08 7.71 -19.21
C MET A 288 15.51 8.70 -18.20
N LYS A 289 16.38 9.24 -17.35
CA LYS A 289 15.96 10.20 -16.33
C LYS A 289 15.24 11.40 -16.95
N LYS A 290 15.73 11.84 -18.10
CA LYS A 290 15.17 12.98 -18.80
C LYS A 290 13.70 12.74 -19.17
N TYR A 291 13.41 11.54 -19.67
CA TYR A 291 12.06 11.20 -20.08
C TYR A 291 11.09 11.12 -18.90
N GLY A 292 11.57 10.59 -17.78
CA GLY A 292 10.74 10.47 -16.59
C GLY A 292 9.85 9.24 -16.60
N PHE A 293 9.42 8.81 -15.41
CA PHE A 293 8.55 7.65 -15.29
C PHE A 293 7.19 7.93 -15.93
N GLY A 294 6.57 6.89 -16.48
CA GLY A 294 5.26 7.05 -17.09
C GLY A 294 5.22 7.81 -18.41
N SER A 295 6.35 8.37 -18.81
CA SER A 295 6.43 9.12 -20.06
C SER A 295 6.27 8.19 -21.26
N ALA A 296 5.84 8.77 -22.37
CA ALA A 296 5.63 8.02 -23.61
C ALA A 296 6.96 7.47 -24.12
N ASP A 297 7.99 8.29 -24.05
CA ASP A 297 9.32 7.90 -24.52
C ASP A 297 9.94 6.74 -23.74
N ALA A 298 10.02 6.88 -22.42
CA ALA A 298 10.61 5.85 -21.57
C ALA A 298 10.02 4.48 -21.88
N MET A 299 8.70 4.42 -21.95
CA MET A 299 8.03 3.16 -22.23
C MET A 299 8.39 2.67 -23.63
N GLN A 300 8.55 3.62 -24.56
CA GLN A 300 8.92 3.31 -25.93
C GLN A 300 10.24 2.56 -25.98
N ILE A 301 11.30 3.24 -25.54
CA ILE A 301 12.66 2.71 -25.53
C ILE A 301 12.78 1.35 -24.85
N MET A 302 12.24 1.25 -23.64
CA MET A 302 12.31 0.03 -22.86
C MET A 302 11.58 -1.15 -23.51
N ALA A 303 10.39 -0.87 -24.04
CA ALA A 303 9.62 -1.92 -24.71
C ALA A 303 10.42 -2.56 -25.84
N GLU A 304 11.08 -1.73 -26.63
CA GLU A 304 11.86 -2.23 -27.76
C GLU A 304 13.10 -3.02 -27.31
N ALA A 305 13.89 -2.44 -26.40
CA ALA A 305 15.09 -3.10 -25.91
C ALA A 305 14.76 -4.53 -25.47
N GLU A 306 13.69 -4.69 -24.69
CA GLU A 306 13.28 -6.00 -24.21
C GLU A 306 13.10 -7.04 -25.31
N LYS A 307 12.55 -6.63 -26.45
CA LYS A 307 12.31 -7.54 -27.58
C LYS A 307 13.54 -8.36 -27.98
N TYR A 308 14.65 -7.67 -28.23
CA TYR A 308 15.89 -8.34 -28.61
C TYR A 308 16.32 -9.36 -27.56
N ALA A 309 16.18 -8.99 -26.29
CA ALA A 309 16.57 -9.86 -25.19
C ALA A 309 15.83 -11.19 -25.22
N TYR A 310 14.50 -11.11 -25.26
CA TYR A 310 13.69 -12.32 -25.30
C TYR A 310 14.00 -13.13 -26.57
N ALA A 311 14.37 -12.43 -27.63
CA ALA A 311 14.75 -13.10 -28.86
C ALA A 311 15.96 -13.97 -28.54
N ASP A 312 16.99 -13.35 -27.99
CA ASP A 312 18.22 -14.07 -27.65
C ASP A 312 17.95 -15.18 -26.63
N ARG A 313 17.02 -14.94 -25.71
CA ARG A 313 16.70 -15.91 -24.68
C ARG A 313 16.34 -17.26 -25.30
N SER A 314 15.41 -17.23 -26.25
CA SER A 314 14.91 -18.42 -26.93
C SER A 314 15.99 -19.26 -27.63
N GLU A 315 17.13 -18.63 -27.90
CA GLU A 315 18.20 -19.29 -28.63
C GLU A 315 19.43 -19.72 -27.82
N TYR A 316 19.99 -18.77 -27.08
CA TYR A 316 21.22 -18.99 -26.33
C TYR A 316 21.14 -19.50 -24.89
N LEU A 317 19.96 -19.56 -24.30
CA LEU A 317 19.87 -19.98 -22.90
C LEU A 317 19.54 -21.44 -22.61
N GLY A 318 20.36 -22.07 -21.77
CA GLY A 318 20.15 -23.47 -21.40
C GLY A 318 21.04 -23.88 -20.24
N ASP A 319 20.83 -25.08 -19.70
CA ASP A 319 21.66 -25.56 -18.57
C ASP A 319 23.10 -25.46 -19.06
N PRO A 320 23.90 -24.57 -18.44
CA PRO A 320 25.31 -24.40 -18.82
C PRO A 320 26.11 -25.70 -18.74
N ASP A 321 25.66 -26.62 -17.91
CA ASP A 321 26.34 -27.89 -17.76
C ASP A 321 26.09 -28.77 -18.99
N PHE A 322 25.18 -28.32 -19.86
CA PHE A 322 24.84 -29.05 -21.07
C PHE A 322 25.11 -28.26 -22.34
N VAL A 323 24.91 -26.95 -22.28
CA VAL A 323 25.13 -26.08 -23.44
C VAL A 323 26.01 -24.88 -23.06
N LYS A 324 26.70 -24.34 -24.05
CA LYS A 324 27.57 -23.19 -23.85
C LYS A 324 26.77 -21.93 -24.17
N VAL A 325 26.58 -21.07 -23.15
CA VAL A 325 25.84 -19.84 -23.33
C VAL A 325 26.81 -18.69 -23.60
N PRO A 326 26.56 -17.91 -24.65
CA PRO A 326 27.41 -16.77 -25.02
C PRO A 326 27.11 -15.56 -24.12
N TRP A 327 27.23 -15.76 -22.81
CA TRP A 327 26.94 -14.71 -21.85
C TRP A 327 27.84 -13.48 -21.96
N GLN A 328 29.09 -13.66 -22.36
CA GLN A 328 30.00 -12.53 -22.49
C GLN A 328 29.49 -11.60 -23.60
N ALA A 329 29.17 -12.18 -24.75
CA ALA A 329 28.67 -11.40 -25.88
C ALA A 329 27.33 -10.76 -25.53
N LEU A 330 26.43 -11.54 -24.95
CA LEU A 330 25.12 -11.04 -24.57
C LEU A 330 25.20 -9.83 -23.64
N THR A 331 26.13 -9.85 -22.69
CA THR A 331 26.29 -8.74 -21.73
C THR A 331 27.34 -7.72 -22.18
N ASN A 332 27.88 -7.94 -23.38
CA ASN A 332 28.89 -7.06 -23.96
C ASN A 332 28.25 -5.71 -24.26
N LYS A 333 28.86 -4.63 -23.79
CA LYS A 333 28.31 -3.29 -24.02
C LYS A 333 28.31 -2.87 -25.48
N ALA A 334 29.28 -3.37 -26.24
CA ALA A 334 29.38 -3.05 -27.66
C ALA A 334 28.11 -3.55 -28.35
N TYR A 335 27.78 -4.81 -28.08
CA TYR A 335 26.58 -5.43 -28.63
C TYR A 335 25.36 -4.62 -28.21
N ALA A 336 25.26 -4.31 -26.93
CA ALA A 336 24.14 -3.55 -26.40
C ALA A 336 23.99 -2.21 -27.12
N LYS A 337 25.12 -1.60 -27.44
CA LYS A 337 25.10 -0.32 -28.14
C LYS A 337 24.63 -0.50 -29.58
N SER A 338 24.88 -1.68 -30.15
CA SER A 338 24.46 -1.94 -31.52
C SER A 338 22.97 -2.21 -31.56
N ILE A 339 22.43 -2.72 -30.45
CA ILE A 339 21.02 -3.01 -30.34
C ILE A 339 20.30 -1.67 -30.11
N ALA A 340 20.94 -0.79 -29.35
CA ALA A 340 20.37 0.51 -29.05
C ALA A 340 20.08 1.31 -30.32
N ASP A 341 20.99 1.27 -31.28
CA ASP A 341 20.82 2.02 -32.52
C ASP A 341 19.60 1.59 -33.36
N GLN A 342 19.24 0.31 -33.30
CA GLN A 342 18.08 -0.20 -34.03
C GLN A 342 16.79 0.21 -33.34
N ILE A 343 16.87 1.22 -32.46
CA ILE A 343 15.71 1.69 -31.73
C ILE A 343 15.29 3.11 -32.12
N ASP A 344 14.03 3.25 -32.54
CA ASP A 344 13.49 4.54 -32.96
C ASP A 344 12.48 5.00 -31.91
N ILE A 345 12.80 6.12 -31.24
CA ILE A 345 11.96 6.67 -30.19
C ILE A 345 10.53 6.97 -30.64
N ASN A 346 10.34 7.21 -31.93
CA ASN A 346 9.01 7.51 -32.46
C ASN A 346 8.43 6.48 -33.42
N LYS A 347 8.87 5.22 -33.30
CA LYS A 347 8.37 4.15 -34.15
C LYS A 347 8.92 2.80 -33.71
N ALA A 348 8.06 1.79 -33.65
CA ALA A 348 8.46 0.46 -33.21
C ALA A 348 8.91 -0.48 -34.33
N LYS A 349 9.25 -1.71 -33.94
CA LYS A 349 9.69 -2.73 -34.88
C LYS A 349 9.07 -4.08 -34.54
N PRO A 350 8.20 -4.59 -35.43
CA PRO A 350 7.50 -5.87 -35.26
C PRO A 350 8.42 -7.01 -34.81
N SER A 351 7.99 -7.74 -33.79
CA SER A 351 8.77 -8.87 -33.28
C SER A 351 9.22 -9.79 -34.41
N SER A 352 8.47 -9.77 -35.51
CA SER A 352 8.77 -10.59 -36.68
C SER A 352 10.09 -10.15 -37.33
N GLU A 353 10.32 -8.84 -37.33
CA GLU A 353 11.52 -8.25 -37.91
C GLU A 353 12.63 -8.15 -36.88
N ILE A 354 12.68 -9.14 -35.99
CA ILE A 354 13.69 -9.21 -34.93
C ILE A 354 14.08 -10.68 -34.74
N ARG A 355 15.37 -10.96 -34.81
CA ARG A 355 15.85 -12.33 -34.63
C ARG A 355 17.05 -12.36 -33.67
N PRO A 356 17.42 -13.55 -33.17
CA PRO A 356 18.56 -13.64 -32.26
C PRO A 356 19.77 -12.90 -32.86
N GLY A 357 20.26 -11.90 -32.14
CA GLY A 357 21.37 -11.10 -32.62
C GLY A 357 22.59 -11.87 -33.10
N LYS A 358 23.45 -11.16 -33.83
CA LYS A 358 24.68 -11.72 -34.35
C LYS A 358 25.78 -11.41 -33.32
N LEU A 359 26.10 -12.41 -32.51
CA LEU A 359 27.11 -12.25 -31.47
C LEU A 359 28.53 -12.44 -31.97
N ALA A 360 28.69 -12.67 -33.28
CA ALA A 360 30.01 -12.89 -33.86
C ALA A 360 31.06 -11.86 -33.46
N PRO A 361 30.87 -10.58 -33.84
CA PRO A 361 31.86 -9.55 -33.50
C PRO A 361 31.98 -9.21 -32.01
N TYR A 362 31.40 -10.05 -31.15
CA TYR A 362 31.45 -9.81 -29.71
C TYR A 362 31.96 -11.04 -28.97
N GLU A 363 32.23 -12.09 -29.72
CA GLU A 363 32.73 -13.34 -29.13
C GLU A 363 34.17 -13.14 -28.65
N THR B 1 5.42 -19.44 -8.07
CA THR B 1 6.43 -18.36 -7.82
C THR B 1 6.69 -17.69 -6.52
N THR B 2 7.69 -17.49 -5.72
CA THR B 2 7.57 -16.49 -4.71
C THR B 2 9.01 -16.06 -4.44
N HIS B 3 9.18 -14.78 -4.11
CA HIS B 3 10.50 -14.23 -3.82
C HIS B 3 10.51 -13.50 -2.47
N TYR B 4 11.62 -13.63 -1.76
CA TYR B 4 11.77 -12.96 -0.49
C TYR B 4 13.20 -12.45 -0.35
N SER B 5 13.38 -11.36 0.39
CA SER B 5 14.71 -10.78 0.57
C SER B 5 15.00 -10.63 2.06
N VAL B 6 16.29 -10.71 2.42
CA VAL B 6 16.72 -10.58 3.81
C VAL B 6 18.02 -9.80 3.91
N VAL B 7 18.13 -8.96 4.93
CA VAL B 7 19.36 -8.21 5.20
C VAL B 7 19.51 -8.22 6.73
N ASP B 8 20.66 -8.63 7.24
CA ASP B 8 20.84 -8.67 8.70
C ASP B 8 21.60 -7.45 9.23
N LYS B 9 21.80 -7.41 10.54
CA LYS B 9 22.48 -6.32 11.22
C LYS B 9 23.92 -6.07 10.74
N ASP B 10 24.59 -7.11 10.26
CA ASP B 10 25.96 -6.98 9.78
C ASP B 10 25.98 -6.51 8.33
N GLY B 11 24.81 -6.44 7.71
CA GLY B 11 24.75 -6.00 6.32
C GLY B 11 24.87 -7.12 5.31
N ASN B 12 24.75 -8.37 5.76
CA ASN B 12 24.81 -9.52 4.86
C ASN B 12 23.44 -9.51 4.18
N ALA B 13 23.36 -9.98 2.93
CA ALA B 13 22.07 -9.98 2.24
C ALA B 13 21.85 -11.24 1.41
N VAL B 14 20.59 -11.63 1.32
CA VAL B 14 20.20 -12.83 0.57
C VAL B 14 18.89 -12.54 -0.15
N ALA B 15 18.78 -12.96 -1.40
CA ALA B 15 17.56 -12.78 -2.15
C ALA B 15 17.28 -14.19 -2.67
N VAL B 16 16.08 -14.70 -2.41
CA VAL B 16 15.71 -16.04 -2.85
C VAL B 16 14.42 -16.06 -3.66
N THR B 17 14.46 -16.69 -4.83
CA THR B 17 13.27 -16.85 -5.65
C THR B 17 13.14 -18.37 -5.86
N TYR B 18 12.05 -18.98 -5.37
CA TYR B 18 11.85 -20.42 -5.57
C TYR B 18 10.39 -20.72 -5.88
N THR B 19 10.11 -21.93 -6.37
CA THR B 19 8.75 -22.23 -6.79
C THR B 19 8.51 -23.70 -7.12
N LEU B 20 7.23 -24.02 -7.36
CA LEU B 20 6.79 -25.35 -7.77
C LEU B 20 6.41 -25.18 -9.24
N ASN B 21 6.53 -23.92 -9.68
CA ASN B 21 6.20 -23.45 -11.03
C ASN B 21 4.79 -22.85 -11.00
N THR B 22 3.77 -23.54 -11.50
CA THR B 22 2.42 -22.97 -11.42
C THR B 22 1.93 -23.06 -9.98
N THR B 23 0.83 -22.37 -9.66
CA THR B 23 0.29 -22.36 -8.30
C THR B 23 -0.04 -23.79 -7.85
N PHE B 24 0.60 -24.23 -6.77
CA PHE B 24 0.44 -25.60 -6.23
C PHE B 24 1.07 -26.66 -7.12
N GLY B 25 1.81 -26.23 -8.14
CA GLY B 25 2.45 -27.19 -9.04
C GLY B 25 1.44 -28.13 -9.70
N THR B 26 1.74 -29.42 -9.68
CA THR B 26 0.84 -30.42 -10.27
C THR B 26 -0.33 -30.66 -9.33
N GLY B 27 -0.21 -30.19 -8.09
CA GLY B 27 -1.26 -30.40 -7.10
C GLY B 27 -1.18 -31.83 -6.58
N ILE B 28 -0.08 -32.52 -6.89
CA ILE B 28 0.13 -33.90 -6.44
C ILE B 28 1.03 -33.98 -5.22
N VAL B 29 0.51 -34.53 -4.13
CA VAL B 29 1.29 -34.70 -2.92
C VAL B 29 2.02 -36.04 -3.03
N ALA B 30 3.31 -36.05 -2.69
CA ALA B 30 4.11 -37.27 -2.80
C ALA B 30 3.82 -38.23 -1.64
N GLY B 31 2.92 -39.18 -1.89
CA GLY B 31 2.55 -40.17 -0.88
C GLY B 31 2.10 -39.55 0.43
N GLU B 32 2.66 -40.02 1.54
CA GLU B 32 2.32 -39.53 2.86
C GLU B 32 3.34 -38.53 3.41
N SER B 33 4.14 -37.95 2.52
CA SER B 33 5.17 -36.99 2.89
C SER B 33 4.54 -35.62 3.17
N GLY B 34 3.40 -35.35 2.55
CA GLY B 34 2.72 -34.08 2.72
C GLY B 34 3.30 -33.00 1.81
N ILE B 35 4.24 -33.41 0.95
CA ILE B 35 4.92 -32.50 0.03
C ILE B 35 4.36 -32.43 -1.39
N LEU B 36 3.96 -31.23 -1.80
CA LEU B 36 3.42 -31.00 -3.14
C LEU B 36 4.56 -31.09 -4.16
N LEU B 37 4.28 -31.67 -5.32
CA LEU B 37 5.29 -31.84 -6.35
C LEU B 37 5.15 -30.82 -7.49
N ASN B 38 6.29 -30.28 -7.89
CA ASN B 38 6.37 -29.26 -8.95
C ASN B 38 6.07 -29.81 -10.35
N ASN B 39 5.78 -28.87 -11.26
CA ASN B 39 5.59 -29.20 -12.67
C ASN B 39 6.57 -28.31 -13.44
N GLN B 40 7.82 -28.32 -12.97
CA GLN B 40 8.90 -27.52 -13.58
C GLN B 40 9.28 -28.04 -14.97
N MET B 41 8.98 -29.30 -15.24
CA MET B 41 9.30 -29.88 -16.54
C MET B 41 8.71 -29.05 -17.69
N ASP B 42 7.69 -28.25 -17.39
CA ASP B 42 7.05 -27.41 -18.42
C ASP B 42 7.90 -26.19 -18.78
N ASP B 43 8.98 -25.96 -18.06
CA ASP B 43 9.83 -24.82 -18.39
C ASP B 43 10.79 -25.21 -19.52
N PHE B 44 10.85 -26.50 -19.82
CA PHE B 44 11.68 -26.99 -20.92
C PHE B 44 10.89 -26.67 -22.19
N SER B 45 11.56 -26.76 -23.33
CA SER B 45 10.91 -26.54 -24.61
C SER B 45 10.43 -27.94 -24.99
N ALA B 46 9.13 -28.19 -24.82
CA ALA B 46 8.54 -29.49 -25.13
C ALA B 46 8.73 -29.83 -26.61
N LYS B 47 8.79 -28.78 -27.43
CA LYS B 47 8.96 -28.90 -28.87
C LYS B 47 9.50 -27.56 -29.36
N PRO B 48 10.62 -27.58 -30.11
CA PRO B 48 11.21 -26.35 -30.64
C PRO B 48 10.18 -25.49 -31.36
N GLY B 49 10.07 -24.21 -30.94
CA GLY B 49 9.12 -23.30 -31.56
C GLY B 49 7.79 -23.19 -30.85
N VAL B 50 7.46 -24.19 -30.04
CA VAL B 50 6.18 -24.20 -29.31
C VAL B 50 6.36 -23.59 -27.91
N PRO B 51 5.53 -22.59 -27.56
CA PRO B 51 5.57 -21.89 -26.26
C PRO B 51 5.05 -22.72 -25.08
N ASN B 52 5.60 -22.49 -23.89
CA ASN B 52 5.13 -23.22 -22.72
C ASN B 52 4.04 -22.40 -22.01
N VAL B 53 3.77 -22.70 -20.75
CA VAL B 53 2.73 -21.98 -20.01
C VAL B 53 2.88 -20.47 -19.97
N TYR B 54 4.12 -19.97 -19.98
CA TYR B 54 4.36 -18.53 -19.94
C TYR B 54 4.52 -17.89 -21.33
N GLY B 55 4.36 -18.69 -22.37
CA GLY B 55 4.51 -18.18 -23.72
C GLY B 55 5.97 -18.10 -24.14
N LEU B 56 6.84 -18.70 -23.35
CA LEU B 56 8.27 -18.70 -23.66
C LEU B 56 8.61 -19.84 -24.62
N VAL B 57 9.51 -19.57 -25.57
CA VAL B 57 9.91 -20.57 -26.55
C VAL B 57 11.39 -20.95 -26.45
N GLY B 58 11.72 -22.13 -26.98
CA GLY B 58 13.09 -22.59 -26.96
C GLY B 58 13.43 -23.51 -28.10
N GLY B 59 14.63 -24.08 -28.05
CA GLY B 59 15.06 -24.99 -29.11
C GLY B 59 15.86 -26.13 -28.51
N ASP B 60 17.03 -26.37 -29.08
CA ASP B 60 17.86 -27.45 -28.57
C ASP B 60 18.55 -27.03 -27.27
N ALA B 61 18.75 -25.73 -27.10
CA ALA B 61 19.41 -25.26 -25.89
C ALA B 61 18.57 -25.56 -24.64
N ASN B 62 17.25 -25.48 -24.78
CA ASN B 62 16.35 -25.70 -23.65
C ASN B 62 15.42 -26.89 -23.84
N ALA B 63 15.82 -27.86 -24.67
CA ALA B 63 14.98 -29.03 -24.93
C ALA B 63 15.11 -30.01 -23.75
N VAL B 64 14.10 -30.86 -23.59
CA VAL B 64 14.08 -31.84 -22.51
C VAL B 64 15.24 -32.84 -22.60
N GLY B 65 15.93 -33.06 -21.48
CA GLY B 65 17.04 -33.99 -21.46
C GLY B 65 17.31 -34.52 -20.06
N PRO B 66 17.80 -35.76 -19.93
CA PRO B 66 18.08 -36.34 -18.61
C PRO B 66 19.05 -35.56 -17.73
N ASN B 67 18.71 -35.45 -16.45
CA ASN B 67 19.54 -34.75 -15.47
C ASN B 67 19.80 -33.29 -15.82
N LYS B 68 19.03 -32.78 -16.77
CA LYS B 68 19.15 -31.40 -17.23
C LYS B 68 18.26 -30.44 -16.43
N ARG B 69 18.80 -29.28 -16.05
CA ARG B 69 18.03 -28.29 -15.31
C ARG B 69 17.31 -27.38 -16.31
N PRO B 70 15.96 -27.41 -16.32
CA PRO B 70 15.20 -26.58 -17.25
C PRO B 70 15.41 -25.07 -17.07
N LEU B 71 15.41 -24.35 -18.19
CA LEU B 71 15.62 -22.90 -18.18
C LEU B 71 14.61 -22.19 -17.28
N SER B 72 15.10 -21.23 -16.50
CA SER B 72 14.26 -20.45 -15.59
C SER B 72 14.42 -18.96 -15.86
N SER B 73 13.48 -18.16 -15.35
CA SER B 73 13.55 -16.72 -15.52
C SER B 73 13.66 -16.03 -14.15
N MET B 74 13.67 -16.83 -13.09
CA MET B 74 13.75 -16.29 -11.74
C MET B 74 15.02 -15.43 -11.64
N SER B 75 14.87 -14.26 -11.03
CA SER B 75 16.00 -13.35 -10.94
C SER B 75 16.28 -12.70 -9.58
N PRO B 76 16.63 -13.50 -8.55
CA PRO B 76 16.88 -12.76 -7.31
C PRO B 76 18.01 -11.80 -7.71
N THR B 77 17.89 -10.54 -7.30
CA THR B 77 18.85 -9.53 -7.72
C THR B 77 19.34 -8.58 -6.63
N ILE B 78 20.60 -8.15 -6.77
CA ILE B 78 21.20 -7.22 -5.81
C ILE B 78 21.94 -6.10 -6.55
N VAL B 79 21.60 -4.86 -6.20
CA VAL B 79 22.23 -3.70 -6.81
C VAL B 79 23.19 -3.10 -5.78
N VAL B 80 24.35 -2.68 -6.26
CA VAL B 80 25.38 -2.11 -5.40
C VAL B 80 25.63 -0.64 -5.74
N LYS B 81 25.71 0.19 -4.70
CA LYS B 81 25.94 1.62 -4.89
C LYS B 81 27.10 2.01 -3.97
N ASP B 82 28.05 2.75 -4.52
CA ASP B 82 29.23 3.17 -3.75
C ASP B 82 29.91 1.99 -3.08
N GLY B 83 29.94 0.85 -3.79
CA GLY B 83 30.58 -0.35 -3.28
C GLY B 83 29.83 -1.16 -2.25
N LYS B 84 28.63 -0.71 -1.85
CA LYS B 84 27.84 -1.38 -0.83
C LYS B 84 26.49 -1.90 -1.33
N THR B 85 26.03 -3.02 -0.78
CA THR B 85 24.73 -3.56 -1.13
C THR B 85 23.75 -2.41 -0.94
N TRP B 86 22.95 -2.13 -1.96
CA TRP B 86 22.01 -1.02 -1.91
C TRP B 86 20.56 -1.45 -2.13
N LEU B 87 20.31 -2.31 -3.11
CA LEU B 87 18.95 -2.78 -3.36
C LEU B 87 18.94 -4.31 -3.44
N VAL B 88 17.98 -4.94 -2.76
CA VAL B 88 17.83 -6.38 -2.77
C VAL B 88 16.39 -6.63 -3.23
N THR B 89 16.22 -7.26 -4.38
CA THR B 89 14.87 -7.45 -4.89
C THR B 89 14.74 -8.71 -5.74
N GLY B 90 13.54 -8.89 -6.31
CA GLY B 90 13.23 -10.04 -7.13
C GLY B 90 11.71 -10.17 -7.21
N SER B 91 11.24 -11.16 -7.94
CA SER B 91 9.78 -11.32 -8.07
C SER B 91 9.38 -12.54 -8.90
N PRO B 92 8.15 -13.05 -8.68
CA PRO B 92 7.65 -14.20 -9.43
C PRO B 92 7.08 -13.59 -10.71
N GLY B 93 6.54 -14.41 -11.60
CA GLY B 93 5.98 -13.87 -12.82
C GLY B 93 6.44 -14.57 -14.09
N GLY B 94 7.01 -15.76 -13.93
CA GLY B 94 7.49 -16.50 -15.09
C GLY B 94 8.34 -15.64 -15.99
N SER B 95 7.85 -15.39 -17.19
CA SER B 95 8.58 -14.58 -18.16
C SER B 95 8.66 -13.10 -17.79
N ARG B 96 7.73 -12.63 -16.96
CA ARG B 96 7.72 -11.22 -16.59
C ARG B 96 8.70 -10.89 -15.46
N ILE B 97 9.25 -11.92 -14.82
CA ILE B 97 10.20 -11.74 -13.74
C ILE B 97 11.33 -10.81 -14.20
N ILE B 98 11.70 -10.93 -15.47
CA ILE B 98 12.78 -10.14 -16.05
C ILE B 98 12.46 -8.65 -16.14
N THR B 99 11.35 -8.28 -16.77
CA THR B 99 11.01 -6.86 -16.89
C THR B 99 10.51 -6.27 -15.57
N THR B 100 10.06 -7.11 -14.64
CA THR B 100 9.62 -6.59 -13.35
C THR B 100 10.84 -6.15 -12.55
N VAL B 101 11.86 -7.00 -12.49
CA VAL B 101 13.08 -6.67 -11.76
C VAL B 101 13.73 -5.44 -12.41
N LEU B 102 13.73 -5.43 -13.74
CA LEU B 102 14.27 -4.33 -14.51
C LEU B 102 13.64 -2.98 -14.12
N GLN B 103 12.31 -2.94 -14.00
CA GLN B 103 11.66 -1.68 -13.64
C GLN B 103 11.98 -1.28 -12.20
N MET B 104 12.17 -2.25 -11.31
CA MET B 104 12.54 -1.90 -9.94
C MET B 104 13.88 -1.16 -9.98
N VAL B 105 14.82 -1.71 -10.75
CA VAL B 105 16.17 -1.11 -10.88
C VAL B 105 16.14 0.25 -11.56
N VAL B 106 15.42 0.35 -12.67
CA VAL B 106 15.31 1.61 -13.38
C VAL B 106 14.60 2.66 -12.52
N ASN B 107 13.55 2.23 -11.80
CA ASN B 107 12.80 3.17 -10.95
C ASN B 107 13.67 3.76 -9.84
N SER B 108 14.56 2.91 -9.32
CA SER B 108 15.46 3.30 -8.23
C SER B 108 16.60 4.19 -8.70
N ILE B 109 17.29 3.78 -9.76
CA ILE B 109 18.42 4.51 -10.28
C ILE B 109 18.08 5.74 -11.12
N ASP B 110 17.29 5.56 -12.17
CA ASP B 110 16.96 6.66 -13.07
C ASP B 110 15.91 7.66 -12.56
N TYR B 111 14.83 7.17 -11.97
CA TYR B 111 13.80 8.07 -11.48
C TYR B 111 13.94 8.46 -10.00
N GLY B 112 14.97 7.95 -9.34
CA GLY B 112 15.17 8.28 -7.94
C GLY B 112 13.98 8.02 -7.04
N LEU B 113 13.25 6.93 -7.28
CA LEU B 113 12.10 6.59 -6.45
C LEU B 113 12.53 5.76 -5.23
N ASN B 114 11.89 5.96 -4.08
CA ASN B 114 12.25 5.16 -2.92
C ASN B 114 11.71 3.74 -3.17
N VAL B 115 12.19 2.77 -2.41
CA VAL B 115 11.79 1.39 -2.61
C VAL B 115 10.28 1.15 -2.62
N ALA B 116 9.54 1.93 -1.82
CA ALA B 116 8.08 1.79 -1.76
C ALA B 116 7.49 2.41 -3.04
N GLU B 117 7.98 3.58 -3.42
CA GLU B 117 7.50 4.23 -4.65
C GLU B 117 7.79 3.35 -5.86
N ALA B 118 9.01 2.83 -5.93
CA ALA B 118 9.43 1.97 -7.04
C ALA B 118 8.57 0.72 -7.14
N THR B 119 8.14 0.23 -5.98
CA THR B 119 7.33 -0.98 -5.86
C THR B 119 5.86 -0.75 -6.25
N ASN B 120 5.30 0.37 -5.83
CA ASN B 120 3.90 0.67 -6.11
C ASN B 120 3.65 1.30 -7.48
N ALA B 121 4.72 1.57 -8.23
CA ALA B 121 4.58 2.14 -9.55
C ALA B 121 4.00 1.11 -10.51
N PRO B 122 3.21 1.55 -11.50
CA PRO B 122 2.62 0.62 -12.48
C PRO B 122 3.72 0.00 -13.34
N ARG B 123 3.47 -1.19 -13.89
CA ARG B 123 4.46 -1.88 -14.70
C ARG B 123 3.98 -2.29 -16.10
N PHE B 124 4.93 -2.44 -17.01
CA PHE B 124 4.64 -2.87 -18.39
C PHE B 124 5.65 -3.95 -18.78
N HIS B 125 5.40 -4.66 -19.88
CA HIS B 125 6.29 -5.75 -20.30
C HIS B 125 6.10 -6.26 -21.73
N HIS B 126 7.22 -6.57 -22.40
CA HIS B 126 7.18 -7.09 -23.78
C HIS B 126 8.16 -8.27 -23.89
N GLN B 127 7.66 -9.44 -24.22
CA GLN B 127 8.54 -10.60 -24.33
C GLN B 127 8.78 -11.08 -25.76
N TRP B 128 8.68 -10.14 -26.72
CA TRP B 128 8.88 -10.44 -28.13
C TRP B 128 7.73 -11.27 -28.71
N LEU B 129 7.52 -12.45 -28.13
CA LEU B 129 6.45 -13.36 -28.53
C LEU B 129 5.67 -13.83 -27.30
N PRO B 130 4.34 -13.55 -27.25
CA PRO B 130 3.56 -12.84 -28.27
C PRO B 130 4.06 -11.40 -28.45
N ASP B 131 3.75 -10.79 -29.59
CA ASP B 131 4.18 -9.42 -29.84
C ASP B 131 3.09 -8.44 -29.39
N GLU B 132 3.30 -7.87 -28.21
CA GLU B 132 2.36 -6.92 -27.64
C GLU B 132 3.00 -6.24 -26.43
N LEU B 133 2.56 -5.02 -26.16
CA LEU B 133 3.07 -4.26 -25.03
C LEU B 133 2.09 -4.44 -23.87
N ARG B 134 2.26 -5.53 -23.12
CA ARG B 134 1.40 -5.82 -21.97
C ARG B 134 1.56 -4.72 -20.91
N VAL B 135 0.45 -4.28 -20.35
CA VAL B 135 0.48 -3.26 -19.33
C VAL B 135 -0.45 -3.60 -18.15
N GLU B 136 -0.29 -2.81 -17.09
CA GLU B 136 -1.10 -2.95 -15.90
C GLU B 136 -1.93 -1.66 -15.89
N LYS B 137 -2.97 -1.65 -15.06
CA LYS B 137 -3.80 -0.46 -14.92
C LYS B 137 -2.87 0.55 -14.24
N GLY B 138 -3.07 1.83 -14.49
CA GLY B 138 -2.22 2.82 -13.86
C GLY B 138 -1.49 3.75 -14.80
N PHE B 139 -1.48 3.41 -16.09
CA PHE B 139 -0.81 4.25 -17.08
C PHE B 139 -1.85 5.19 -17.70
N SER B 140 -1.50 6.47 -17.81
CA SER B 140 -2.42 7.46 -18.37
C SER B 140 -3.02 7.08 -19.72
N PRO B 141 -4.26 7.54 -19.98
CA PRO B 141 -4.93 7.24 -21.26
C PRO B 141 -4.17 7.94 -22.38
N ASP B 142 -3.63 9.12 -22.06
CA ASP B 142 -2.88 9.92 -23.02
C ASP B 142 -1.60 9.19 -23.43
N THR B 143 -0.71 8.96 -22.47
CA THR B 143 0.55 8.28 -22.76
C THR B 143 0.30 7.01 -23.56
N LEU B 144 -0.81 6.33 -23.27
CA LEU B 144 -1.13 5.08 -23.98
C LEU B 144 -1.52 5.29 -25.44
N LYS B 145 -1.96 6.49 -25.81
CA LYS B 145 -2.34 6.78 -27.18
C LYS B 145 -1.06 6.81 -28.02
N LEU B 146 -0.03 7.43 -27.45
CA LEU B 146 1.26 7.57 -28.09
C LEU B 146 1.92 6.21 -28.37
N LEU B 147 1.77 5.25 -27.47
CA LEU B 147 2.36 3.92 -27.69
C LEU B 147 1.64 3.26 -28.87
N GLU B 148 0.31 3.33 -28.86
CA GLU B 148 -0.51 2.76 -29.93
C GLU B 148 -0.14 3.51 -31.22
N ALA B 149 0.04 4.82 -31.09
CA ALA B 149 0.39 5.70 -32.21
C ALA B 149 1.82 5.38 -32.69
N LYS B 150 2.79 5.63 -31.82
CA LYS B 150 4.18 5.36 -32.14
C LYS B 150 4.27 3.99 -32.82
N GLY B 151 3.34 3.10 -32.50
CA GLY B 151 3.33 1.78 -33.12
C GLY B 151 3.00 0.57 -32.27
N GLN B 152 3.16 0.70 -30.95
CA GLN B 152 2.89 -0.41 -30.03
C GLN B 152 1.43 -0.84 -29.93
N LYS B 153 1.23 -2.13 -29.69
CA LYS B 153 -0.12 -2.67 -29.53
C LYS B 153 -0.33 -2.92 -28.04
N VAL B 154 -0.77 -1.88 -27.33
CA VAL B 154 -1.01 -1.94 -25.89
C VAL B 154 -2.05 -2.99 -25.52
N ALA B 155 -1.72 -3.81 -24.52
CA ALA B 155 -2.62 -4.87 -24.06
C ALA B 155 -2.73 -4.91 -22.54
N LEU B 156 -3.73 -4.21 -22.01
CA LEU B 156 -3.97 -4.16 -20.57
C LEU B 156 -4.27 -5.57 -20.03
N LYS B 157 -3.68 -5.91 -18.89
CA LYS B 157 -3.91 -7.24 -18.34
C LYS B 157 -3.67 -7.37 -16.84
N GLU B 158 -3.79 -8.60 -16.34
CA GLU B 158 -3.61 -8.96 -14.95
C GLU B 158 -2.34 -8.32 -14.36
N ALA B 159 -2.38 -8.01 -13.07
CA ALA B 159 -1.23 -7.41 -12.40
C ALA B 159 0.01 -8.31 -12.55
N MET B 160 1.17 -7.68 -12.68
CA MET B 160 2.41 -8.43 -12.83
C MET B 160 3.39 -8.42 -11.65
N GLY B 161 3.63 -9.61 -11.11
CA GLY B 161 4.60 -9.75 -10.03
C GLY B 161 4.23 -9.49 -8.59
N SER B 162 5.23 -9.72 -7.74
CA SER B 162 5.12 -9.52 -6.31
C SER B 162 6.54 -9.29 -5.78
N THR B 163 7.02 -8.07 -5.96
CA THR B 163 8.35 -7.69 -5.48
C THR B 163 8.32 -7.58 -3.96
N GLN B 164 9.39 -8.07 -3.33
CA GLN B 164 9.58 -8.02 -1.89
C GLN B 164 11.02 -7.53 -1.82
N SER B 165 11.17 -6.25 -1.53
CA SER B 165 12.47 -5.61 -1.56
C SER B 165 12.95 -4.89 -0.31
N ILE B 166 14.27 -4.69 -0.26
CA ILE B 166 14.91 -3.99 0.84
C ILE B 166 16.01 -3.10 0.25
N MET B 167 16.03 -1.85 0.67
CA MET B 167 17.05 -0.90 0.23
C MET B 167 17.87 -0.54 1.46
N VAL B 168 19.19 -0.46 1.28
CA VAL B 168 20.09 -0.15 2.38
C VAL B 168 20.63 1.27 2.32
N GLY B 169 20.34 2.04 3.37
CA GLY B 169 20.81 3.41 3.43
C GLY B 169 22.33 3.45 3.56
N PRO B 170 22.94 4.61 3.27
CA PRO B 170 24.40 4.69 3.38
C PRO B 170 24.86 4.45 4.81
N ASP B 171 24.00 4.77 5.78
CA ASP B 171 24.31 4.62 7.20
C ASP B 171 23.86 3.30 7.83
N GLY B 172 23.48 2.33 7.01
CA GLY B 172 23.07 1.04 7.54
C GLY B 172 21.58 0.89 7.78
N GLU B 173 20.85 2.00 7.72
CA GLU B 173 19.41 2.01 7.92
C GLU B 173 18.77 1.16 6.81
N LEU B 174 17.67 0.48 7.14
CA LEU B 174 16.99 -0.37 6.16
C LEU B 174 15.61 0.19 5.78
N TYR B 175 15.30 0.13 4.49
CA TYR B 175 14.04 0.61 3.95
C TYR B 175 13.44 -0.56 3.17
N GLY B 176 12.19 -0.93 3.46
CA GLY B 176 11.61 -2.05 2.74
C GLY B 176 10.21 -1.85 2.19
N ALA B 177 9.85 -2.70 1.24
CA ALA B 177 8.52 -2.61 0.66
C ALA B 177 8.02 -3.94 0.10
N SER B 178 6.77 -4.25 0.45
CA SER B 178 6.10 -5.43 -0.04
C SER B 178 5.16 -4.90 -1.13
N ASP B 179 4.88 -5.74 -2.11
CA ASP B 179 4.04 -5.41 -3.24
C ASP B 179 2.56 -5.23 -2.93
N PRO B 180 1.94 -4.16 -3.48
CA PRO B 180 0.51 -3.94 -3.24
C PRO B 180 -0.29 -5.04 -3.94
N ARG B 181 0.31 -5.64 -4.97
CA ARG B 181 -0.35 -6.68 -5.76
C ARG B 181 -0.60 -8.00 -4.99
N SER B 182 0.16 -8.22 -3.93
CA SER B 182 0.01 -9.42 -3.14
C SER B 182 -0.56 -9.05 -1.77
N VAL B 183 -1.66 -9.69 -1.36
CA VAL B 183 -2.23 -9.39 -0.06
C VAL B 183 -1.68 -10.38 0.96
N ASP B 184 -1.76 -10.01 2.24
CA ASP B 184 -1.28 -10.83 3.35
C ASP B 184 0.23 -11.00 3.41
N ASP B 185 0.97 -10.21 2.65
CA ASP B 185 2.43 -10.30 2.68
C ASP B 185 2.97 -9.36 3.76
N LEU B 186 4.28 -9.31 3.91
CA LEU B 186 4.85 -8.47 4.95
C LEU B 186 6.36 -8.25 4.87
N THR B 187 6.74 -7.01 5.16
CA THR B 187 8.14 -6.61 5.23
C THR B 187 8.23 -6.06 6.66
N ALA B 188 9.09 -6.67 7.46
CA ALA B 188 9.24 -6.25 8.85
C ALA B 188 10.70 -6.39 9.27
N GLY B 189 11.05 -5.72 10.35
CA GLY B 189 12.41 -5.80 10.81
C GLY B 189 12.50 -5.32 12.24
N TYR B 190 13.65 -5.02 12.71
CA TYR B 190 13.64 -4.59 14.06
C TYR B 190 14.47 -3.34 14.30
N GLU C 14 -4.24 -9.97 -11.82
CA GLU C 14 -5.31 -8.99 -11.83
C GLU C 14 -5.47 -8.57 -10.38
N ASP C 15 -5.73 -7.28 -10.37
CA ASP C 15 -5.89 -6.32 -9.32
C ASP C 15 -4.74 -5.85 -8.43
N VAL C 16 -3.83 -5.21 -9.14
CA VAL C 16 -2.77 -4.53 -8.51
C VAL C 16 -3.08 -3.81 -7.19
N PHE C 17 -4.17 -2.98 -6.93
CA PHE C 17 -4.32 -2.53 -5.49
C PHE C 17 -5.50 -3.26 -4.86
N HIS C 18 -5.38 -3.81 -3.64
CA HIS C 18 -6.49 -4.61 -3.05
C HIS C 18 -6.96 -4.12 -1.69
N PRO C 19 -8.28 -4.10 -1.47
CA PRO C 19 -8.68 -3.62 -0.15
C PRO C 19 -8.67 -4.71 0.92
N VAL C 20 -8.68 -4.29 2.17
CA VAL C 20 -8.72 -5.22 3.29
C VAL C 20 -10.15 -5.76 3.25
N ARG C 21 -10.31 -7.04 3.57
CA ARG C 21 -11.64 -7.65 3.53
C ARG C 21 -12.11 -8.12 4.91
N ALA C 22 -13.40 -8.01 5.14
CA ALA C 22 -14.03 -8.43 6.39
C ALA C 22 -15.50 -8.74 6.09
N LYS C 23 -16.08 -9.70 6.80
CA LYS C 23 -17.47 -10.07 6.57
C LYS C 23 -18.49 -9.40 7.49
N GLN C 24 -18.07 -9.04 8.70
CA GLN C 24 -19.00 -8.43 9.64
C GLN C 24 -18.77 -6.95 9.97
N GLY C 25 -17.65 -6.65 10.63
CA GLY C 25 -17.38 -5.28 10.99
C GLY C 25 -16.03 -4.80 10.52
N MET C 26 -15.85 -3.47 10.44
CA MET C 26 -14.59 -2.92 9.98
C MET C 26 -14.32 -1.50 10.47
N VAL C 27 -13.05 -1.23 10.77
CA VAL C 27 -12.63 0.09 11.20
C VAL C 27 -11.42 0.55 10.39
N ALA C 28 -11.42 1.82 9.98
CA ALA C 28 -10.30 2.39 9.23
C ALA C 28 -9.85 3.65 9.98
N SER C 29 -8.61 3.66 10.47
CA SER C 29 -8.09 4.83 11.18
C SER C 29 -6.61 5.04 10.90
N VAL C 30 -6.11 6.21 11.29
CA VAL C 30 -4.72 6.57 11.07
C VAL C 30 -3.76 5.89 12.06
N ASP C 31 -4.29 5.18 13.04
CA ASP C 31 -3.44 4.52 14.02
C ASP C 31 -3.84 3.07 14.27
N ALA C 32 -2.87 2.15 14.14
CA ALA C 32 -3.16 0.72 14.33
C ALA C 32 -3.82 0.42 15.69
N THR C 33 -3.24 0.93 16.76
CA THR C 33 -3.81 0.67 18.09
C THR C 33 -5.27 1.10 18.20
N ALA C 34 -5.59 2.31 17.74
CA ALA C 34 -6.96 2.82 17.82
C ALA C 34 -7.92 1.95 17.00
N THR C 35 -7.49 1.55 15.81
CA THR C 35 -8.30 0.72 14.94
C THR C 35 -8.67 -0.58 15.65
N GLN C 36 -7.70 -1.22 16.31
CA GLN C 36 -7.93 -2.47 17.02
C GLN C 36 -8.88 -2.29 18.20
N VAL C 37 -8.83 -1.12 18.85
CA VAL C 37 -9.75 -0.83 19.95
C VAL C 37 -11.15 -0.84 19.33
N GLY C 38 -11.31 -0.17 18.18
CA GLY C 38 -12.62 -0.14 17.55
C GLY C 38 -13.13 -1.53 17.18
N VAL C 39 -12.25 -2.36 16.60
CA VAL C 39 -12.66 -3.70 16.20
C VAL C 39 -13.09 -4.52 17.42
N ASP C 40 -12.31 -4.46 18.49
CA ASP C 40 -12.65 -5.19 19.71
C ASP C 40 -14.04 -4.76 20.20
N ILE C 41 -14.29 -3.46 20.21
CA ILE C 41 -15.60 -2.95 20.63
C ILE C 41 -16.69 -3.59 19.78
N LEU C 42 -16.46 -3.68 18.47
CA LEU C 42 -17.46 -4.31 17.60
C LEU C 42 -17.61 -5.78 17.96
N LYS C 43 -16.50 -6.49 18.04
CA LYS C 43 -16.52 -7.91 18.40
C LYS C 43 -17.27 -8.16 19.71
N GLU C 44 -17.23 -7.20 20.62
CA GLU C 44 -17.93 -7.37 21.89
C GLU C 44 -19.41 -7.00 21.80
N GLY C 45 -19.89 -6.67 20.60
CA GLY C 45 -21.29 -6.32 20.46
C GLY C 45 -21.63 -4.84 20.31
N GLY C 46 -20.66 -3.95 20.45
CA GLY C 46 -20.97 -2.54 20.30
C GLY C 46 -21.36 -2.24 18.85
N ASN C 47 -22.17 -1.21 18.63
CA ASN C 47 -22.55 -0.87 17.28
C ASN C 47 -21.51 0.11 16.70
N ALA C 48 -21.73 0.59 15.48
CA ALA C 48 -20.78 1.50 14.83
C ALA C 48 -20.52 2.79 15.64
N VAL C 49 -21.56 3.31 16.27
CA VAL C 49 -21.39 4.51 17.09
C VAL C 49 -20.55 4.23 18.33
N ASP C 50 -20.83 3.11 18.99
CA ASP C 50 -20.07 2.74 20.19
C ASP C 50 -18.59 2.63 19.81
N ALA C 51 -18.36 1.95 18.69
CA ALA C 51 -17.00 1.75 18.21
C ALA C 51 -16.35 3.08 17.80
N ALA C 52 -17.10 3.94 17.11
CA ALA C 52 -16.54 5.24 16.69
C ALA C 52 -16.12 6.09 17.89
N VAL C 53 -16.91 6.03 18.95
CA VAL C 53 -16.59 6.81 20.13
C VAL C 53 -15.34 6.23 20.80
N ALA C 54 -15.27 4.91 20.88
CA ALA C 54 -14.11 4.26 21.48
C ALA C 54 -12.83 4.62 20.74
N VAL C 55 -12.89 4.65 19.41
CA VAL C 55 -11.73 4.99 18.58
C VAL C 55 -11.33 6.45 18.80
N GLY C 56 -12.33 7.32 18.89
CA GLY C 56 -12.08 8.74 19.11
C GLY C 56 -11.39 8.98 20.43
N TYR C 57 -11.79 8.25 21.46
CA TYR C 57 -11.14 8.39 22.76
C TYR C 57 -9.74 7.77 22.71
N ALA C 58 -9.60 6.67 21.98
CA ALA C 58 -8.32 5.99 21.89
C ALA C 58 -7.28 6.85 21.15
N LEU C 59 -7.74 7.54 20.11
CA LEU C 59 -6.84 8.41 19.34
C LEU C 59 -6.44 9.65 20.14
N ALA C 60 -7.27 10.04 21.10
CA ALA C 60 -6.95 11.22 21.92
C ALA C 60 -5.74 10.90 22.80
N VAL C 61 -5.47 9.59 22.93
CA VAL C 61 -4.35 9.06 23.71
C VAL C 61 -3.16 8.65 22.82
N THR C 62 -3.42 7.79 21.83
CA THR C 62 -2.35 7.30 20.96
C THR C 62 -1.97 8.16 19.76
N HIS C 63 -2.75 9.20 19.50
CA HIS C 63 -2.46 10.07 18.37
C HIS C 63 -2.65 11.52 18.83
N PRO C 64 -1.89 11.95 19.84
CA PRO C 64 -1.94 13.30 20.42
C PRO C 64 -1.76 14.44 19.42
N GLN C 65 -1.25 14.15 18.23
CA GLN C 65 -1.09 15.22 17.25
C GLN C 65 -2.43 15.69 16.69
N ALA C 66 -3.43 14.81 16.68
CA ALA C 66 -4.76 15.15 16.14
C ALA C 66 -5.91 14.52 16.92
N GLY C 67 -5.74 13.29 17.39
CA GLY C 67 -6.76 12.66 18.21
C GLY C 67 -6.85 13.62 19.38
N ASN C 68 -8.01 13.78 20.00
CA ASN C 68 -8.08 14.78 21.06
C ASN C 68 -9.32 14.79 21.96
N LEU C 69 -9.18 15.50 23.08
CA LEU C 69 -10.29 15.74 23.99
C LEU C 69 -10.32 17.28 24.01
N GLY C 70 -9.21 17.90 23.58
CA GLY C 70 -9.11 19.36 23.59
C GLY C 70 -9.39 20.07 22.28
N GLY C 71 -10.02 19.38 21.35
CA GLY C 71 -10.32 19.97 20.06
C GLY C 71 -11.80 19.84 19.72
N GLY C 72 -12.06 19.57 18.44
CA GLY C 72 -13.42 19.42 17.98
C GLY C 72 -13.44 18.81 16.58
N GLY C 73 -14.64 18.59 16.05
CA GLY C 73 -14.76 18.01 14.73
C GLY C 73 -16.21 17.73 14.34
N PHE C 74 -16.36 16.83 13.38
CA PHE C 74 -17.66 16.46 12.83
C PHE C 74 -17.80 14.94 12.74
N MET C 75 -19.04 14.48 12.84
CA MET C 75 -19.35 13.05 12.74
C MET C 75 -20.59 12.88 11.85
N LEU C 76 -20.51 12.01 10.84
CA LEU C 76 -21.66 11.74 10.00
C LEU C 76 -22.11 10.32 10.36
N ILE C 77 -23.41 10.16 10.63
CA ILE C 77 -23.97 8.87 11.03
C ILE C 77 -25.10 8.40 10.11
N ARG C 78 -25.04 7.14 9.67
CA ARG C 78 -26.12 6.60 8.84
C ARG C 78 -26.50 5.21 9.38
N SER C 79 -27.67 5.14 9.99
CA SER C 79 -28.19 3.90 10.56
C SER C 79 -28.60 2.92 9.45
N LYS C 80 -28.70 1.64 9.80
CA LYS C 80 -29.08 0.60 8.86
C LYS C 80 -30.44 0.83 8.21
N ASN C 81 -31.28 1.66 8.82
CA ASN C 81 -32.60 1.91 8.25
C ASN C 81 -32.74 3.24 7.50
N GLY C 82 -31.60 3.84 7.14
CA GLY C 82 -31.64 5.06 6.35
C GLY C 82 -31.45 6.42 7.00
N ASN C 83 -31.72 6.50 8.30
CA ASN C 83 -31.58 7.75 9.06
C ASN C 83 -30.15 8.28 9.00
N THR C 84 -29.94 9.35 8.23
CA THR C 84 -28.61 9.95 8.08
C THR C 84 -28.61 11.32 8.77
N THR C 85 -27.66 11.51 9.67
CA THR C 85 -27.58 12.74 10.43
C THR C 85 -26.13 13.16 10.65
N ALA C 86 -25.95 14.44 10.97
CA ALA C 86 -24.63 15.01 11.20
C ALA C 86 -24.53 15.60 12.60
N ILE C 87 -23.37 15.42 13.22
CA ILE C 87 -23.14 15.96 14.55
C ILE C 87 -22.01 16.98 14.47
N ASP C 88 -22.36 18.22 14.81
CA ASP C 88 -21.43 19.33 14.80
C ASP C 88 -20.87 19.49 16.21
N PHE C 89 -19.60 19.16 16.40
CA PHE C 89 -18.97 19.38 17.71
C PHE C 89 -17.69 20.18 17.51
N ARG C 90 -17.81 21.16 16.62
CA ARG C 90 -16.75 22.09 16.29
C ARG C 90 -16.62 23.04 17.48
N GLU C 91 -15.41 23.55 17.72
CA GLU C 91 -15.20 24.46 18.85
C GLU C 91 -15.95 25.78 18.64
N MET C 92 -16.29 26.41 19.77
CA MET C 92 -16.99 27.71 19.79
C MET C 92 -15.97 28.75 20.26
N ALA C 93 -15.98 29.92 19.62
CA ALA C 93 -15.08 30.99 20.06
C ALA C 93 -15.56 31.40 21.45
N PRO C 94 -14.63 31.70 22.37
CA PRO C 94 -14.99 32.10 23.74
C PRO C 94 -15.91 33.33 23.75
N ALA C 95 -16.73 33.46 24.78
CA ALA C 95 -17.63 34.61 24.88
C ALA C 95 -16.87 35.94 24.84
N LYS C 96 -15.65 35.96 25.37
CA LYS C 96 -14.87 37.20 25.35
C LYS C 96 -14.08 37.38 24.05
N ALA C 97 -14.25 36.49 23.09
CA ALA C 97 -13.55 36.63 21.81
C ALA C 97 -14.10 37.87 21.09
N THR C 98 -13.21 38.63 20.45
CA THR C 98 -13.64 39.82 19.72
C THR C 98 -13.10 39.76 18.29
N ARG C 99 -13.75 40.49 17.39
CA ARG C 99 -13.39 40.49 15.98
C ARG C 99 -11.92 40.79 15.65
N ASP C 100 -11.31 41.71 16.37
CA ASP C 100 -9.91 42.06 16.09
C ASP C 100 -8.91 41.53 17.12
N MET C 101 -9.32 40.52 17.87
CA MET C 101 -8.45 39.95 18.90
C MET C 101 -7.09 39.47 18.41
N PHE C 102 -6.98 39.12 17.14
CA PHE C 102 -5.71 38.63 16.60
C PHE C 102 -4.86 39.66 15.85
N LEU C 103 -5.37 40.88 15.71
CA LEU C 103 -4.64 41.92 14.99
C LEU C 103 -3.68 42.66 15.93
N ASP C 104 -2.47 42.95 15.44
CA ASP C 104 -1.50 43.68 16.25
C ASP C 104 -1.92 45.15 16.31
N ASP C 105 -1.14 45.98 16.98
CA ASP C 105 -1.43 47.41 17.10
C ASP C 105 -1.69 48.11 15.77
N GLN C 106 -0.98 47.67 14.74
CA GLN C 106 -1.09 48.25 13.39
C GLN C 106 -2.40 47.84 12.70
N GLY C 107 -2.92 46.68 13.08
CA GLY C 107 -4.14 46.19 12.48
C GLY C 107 -3.88 45.01 11.57
N ASN C 108 -2.69 44.43 11.67
CA ASN C 108 -2.32 43.29 10.85
C ASN C 108 -2.39 41.98 11.66
N PRO C 109 -2.93 40.91 11.06
CA PRO C 109 -3.06 39.62 11.73
C PRO C 109 -1.73 39.07 12.26
N ASP C 110 -1.77 38.58 13.49
CA ASP C 110 -0.58 38.01 14.13
C ASP C 110 -0.81 36.50 14.23
N SER C 111 -0.21 35.75 13.31
CA SER C 111 -0.36 34.31 13.28
C SER C 111 0.04 33.68 14.62
N LYS C 112 1.09 34.22 15.23
CA LYS C 112 1.56 33.71 16.51
C LYS C 112 0.41 33.67 17.53
N LYS C 113 -0.36 34.76 17.59
CA LYS C 113 -1.46 34.81 18.54
C LYS C 113 -2.58 33.80 18.24
N SER C 114 -2.84 33.55 16.96
CA SER C 114 -3.91 32.64 16.59
C SER C 114 -3.48 31.18 16.43
N LEU C 115 -2.19 30.92 16.63
CA LEU C 115 -1.64 29.57 16.50
C LEU C 115 -0.87 29.04 17.71
N THR C 116 -0.09 29.89 18.37
CA THR C 116 0.69 29.40 19.50
C THR C 116 0.38 29.98 20.87
N SER C 117 -0.50 30.99 20.95
CA SER C 117 -0.81 31.58 22.24
C SER C 117 -2.09 30.99 22.82
N HIS C 118 -2.37 31.27 24.09
CA HIS C 118 -3.57 30.76 24.72
C HIS C 118 -4.85 31.31 24.08
N LEU C 119 -4.71 32.37 23.28
CA LEU C 119 -5.85 33.00 22.60
C LEU C 119 -6.28 32.19 21.37
N ALA C 120 -5.41 31.27 20.94
CA ALA C 120 -5.67 30.45 19.77
C ALA C 120 -6.77 29.39 19.93
N SER C 121 -7.14 29.12 21.19
CA SER C 121 -8.11 28.07 21.50
C SER C 121 -9.61 28.38 21.56
N GLY C 122 -10.38 27.47 20.99
CA GLY C 122 -11.82 27.58 21.03
C GLY C 122 -12.27 26.62 22.11
N THR C 123 -13.50 26.77 22.59
CA THR C 123 -14.01 25.86 23.62
C THR C 123 -14.14 24.50 22.95
N PRO C 124 -13.43 23.46 23.47
CA PRO C 124 -13.44 22.09 22.94
C PRO C 124 -14.82 21.44 22.81
N GLY C 125 -15.05 20.75 21.69
CA GLY C 125 -16.35 20.12 21.50
C GLY C 125 -16.37 18.61 21.44
N THR C 126 -15.20 17.98 21.30
CA THR C 126 -15.11 16.53 21.17
C THR C 126 -15.89 15.70 22.20
N VAL C 127 -15.62 15.93 23.48
CA VAL C 127 -16.29 15.18 24.53
C VAL C 127 -17.81 15.34 24.43
N ALA C 128 -18.27 16.57 24.21
CA ALA C 128 -19.72 16.78 24.11
C ALA C 128 -20.28 16.08 22.87
N GLY C 129 -19.53 16.13 21.76
CA GLY C 129 -19.99 15.49 20.53
C GLY C 129 -20.12 13.99 20.66
N PHE C 130 -19.10 13.35 21.26
CA PHE C 130 -19.15 11.91 21.41
C PHE C 130 -20.28 11.47 22.35
N SER C 131 -20.53 12.23 23.41
CA SER C 131 -21.60 11.85 24.33
C SER C 131 -22.99 12.02 23.71
N LEU C 132 -23.19 13.06 22.92
CA LEU C 132 -24.49 13.25 22.26
C LEU C 132 -24.71 12.02 21.37
N ALA C 133 -23.72 11.69 20.56
CA ALA C 133 -23.83 10.54 19.65
C ALA C 133 -24.04 9.23 20.39
N LEU C 134 -23.22 8.97 21.41
CA LEU C 134 -23.30 7.75 22.18
C LEU C 134 -24.66 7.60 22.89
N ASP C 135 -25.08 8.64 23.60
CA ASP C 135 -26.35 8.59 24.31
C ASP C 135 -27.55 8.39 23.38
N LYS C 136 -27.53 9.03 22.21
CA LYS C 136 -28.66 8.92 21.27
C LYS C 136 -28.61 7.77 20.28
N TYR C 137 -27.42 7.44 19.79
CA TYR C 137 -27.27 6.38 18.80
C TYR C 137 -26.45 5.15 19.20
N GLY C 138 -25.78 5.21 20.35
CA GLY C 138 -24.97 4.06 20.76
C GLY C 138 -25.77 3.07 21.58
N THR C 139 -25.11 2.06 22.12
CA THR C 139 -25.78 1.08 22.96
C THR C 139 -24.98 0.82 24.24
N MET C 140 -23.72 1.25 24.26
CA MET C 140 -22.85 1.04 25.43
C MET C 140 -22.72 2.28 26.32
N PRO C 141 -22.40 2.07 27.61
CA PRO C 141 -22.25 3.22 28.50
C PRO C 141 -20.90 3.88 28.22
N LEU C 142 -20.79 5.18 28.50
CA LEU C 142 -19.56 5.90 28.24
C LEU C 142 -18.33 5.27 28.91
N ASN C 143 -18.48 4.77 30.12
CA ASN C 143 -17.31 4.19 30.78
C ASN C 143 -16.72 3.03 29.99
N LYS C 144 -17.55 2.22 29.35
CA LYS C 144 -17.04 1.09 28.57
C LYS C 144 -16.29 1.51 27.31
N VAL C 145 -16.72 2.58 26.64
CA VAL C 145 -16.02 3.01 25.43
C VAL C 145 -14.78 3.85 25.72
N VAL C 146 -14.66 4.30 26.96
CA VAL C 146 -13.51 5.11 27.38
C VAL C 146 -12.43 4.23 27.98
N GLN C 147 -12.84 3.08 28.53
CA GLN C 147 -11.90 2.18 29.18
C GLN C 147 -10.65 1.85 28.36
N PRO C 148 -10.81 1.46 27.09
CA PRO C 148 -9.60 1.15 26.30
C PRO C 148 -8.60 2.29 26.29
N ALA C 149 -9.09 3.52 26.09
CA ALA C 149 -8.23 4.70 26.06
C ALA C 149 -7.61 4.97 27.43
N PHE C 150 -8.40 4.73 28.48
CA PHE C 150 -7.93 4.93 29.84
C PHE C 150 -6.68 4.08 30.10
N LYS C 151 -6.76 2.79 29.79
CA LYS C 151 -5.66 1.88 30.00
C LYS C 151 -4.41 2.29 29.23
N LEU C 152 -4.59 2.77 27.99
CA LEU C 152 -3.48 3.21 27.16
C LEU C 152 -2.78 4.42 27.78
N ALA C 153 -3.56 5.30 28.39
CA ALA C 153 -3.00 6.49 29.02
C ALA C 153 -2.31 6.08 30.33
N ARG C 154 -2.97 5.24 31.10
CA ARG C 154 -2.45 4.79 32.38
C ARG C 154 -1.17 3.96 32.25
N ASP C 155 -1.21 2.95 31.38
CA ASP C 155 -0.07 2.06 31.18
C ASP C 155 0.94 2.49 30.12
N GLY C 156 0.54 3.41 29.25
CA GLY C 156 1.45 3.86 28.21
C GLY C 156 1.50 2.92 27.02
N PHE C 157 2.09 3.39 25.93
CA PHE C 157 2.24 2.60 24.72
C PHE C 157 3.57 2.97 24.08
N ILE C 158 4.01 2.15 23.13
CA ILE C 158 5.27 2.34 22.42
C ILE C 158 5.17 3.38 21.30
N VAL C 159 6.06 4.36 21.33
CA VAL C 159 6.09 5.41 20.32
C VAL C 159 6.54 4.78 18.99
N ASN C 160 5.73 4.94 17.95
CA ASN C 160 6.06 4.37 16.62
C ASN C 160 6.72 5.42 15.73
N ASP C 161 6.91 5.09 14.45
CA ASP C 161 7.52 6.02 13.49
C ASP C 161 6.72 7.31 13.34
N ALA C 162 5.40 7.16 13.16
CA ALA C 162 4.51 8.31 12.98
C ALA C 162 4.61 9.30 14.14
N LEU C 163 4.39 8.81 15.36
CA LEU C 163 4.45 9.70 16.52
C LEU C 163 5.85 10.27 16.76
N ALA C 164 6.87 9.42 16.65
CA ALA C 164 8.25 9.90 16.83
C ALA C 164 8.57 11.03 15.85
N ASP C 165 8.24 10.83 14.57
CA ASP C 165 8.51 11.84 13.55
C ASP C 165 7.76 13.16 13.79
N ASP C 166 6.49 13.09 14.17
CA ASP C 166 5.72 14.30 14.43
C ASP C 166 6.25 15.04 15.67
N LEU C 167 6.59 14.30 16.71
CA LEU C 167 7.14 14.92 17.93
C LEU C 167 8.41 15.72 17.62
N LYS C 168 9.26 15.15 16.77
CA LYS C 168 10.51 15.81 16.42
C LYS C 168 10.34 16.96 15.43
N THR C 169 9.47 16.78 14.43
CA THR C 169 9.22 17.79 13.42
C THR C 169 8.30 18.93 13.87
N TYR C 170 7.09 18.58 14.32
CA TYR C 170 6.14 19.60 14.76
C TYR C 170 6.14 19.85 16.27
N GLY C 171 6.30 18.76 17.02
CA GLY C 171 6.30 18.89 18.47
C GLY C 171 7.40 19.80 18.98
N SER C 172 8.57 19.74 18.36
CA SER C 172 9.72 20.56 18.78
C SER C 172 9.38 22.05 18.79
N GLU C 173 8.55 22.47 17.83
CA GLU C 173 8.17 23.86 17.71
C GLU C 173 7.33 24.41 18.86
N VAL C 174 6.64 23.53 19.60
CA VAL C 174 5.78 24.01 20.68
C VAL C 174 5.79 23.26 22.03
N LEU C 175 5.72 21.94 22.00
CA LEU C 175 5.66 21.19 23.25
C LEU C 175 6.68 21.56 24.33
N PRO C 176 7.96 21.79 23.96
CA PRO C 176 8.90 22.13 25.04
C PRO C 176 8.81 23.55 25.59
N ASN C 177 7.96 24.38 25.00
CA ASN C 177 7.79 25.77 25.45
C ASN C 177 6.82 25.94 26.62
N HIS C 178 6.19 24.85 27.01
CA HIS C 178 5.24 24.87 28.11
C HIS C 178 5.61 23.75 29.09
N GLU C 179 5.71 24.10 30.37
CA GLU C 179 6.11 23.15 31.40
C GLU C 179 5.29 21.87 31.47
N ASN C 180 3.96 21.97 31.52
CA ASN C 180 3.14 20.75 31.58
C ASN C 180 3.27 19.88 30.33
N SER C 181 3.39 20.52 29.16
CA SER C 181 3.55 19.77 27.91
C SER C 181 4.91 19.08 27.91
N LYS C 182 5.96 19.84 28.22
CA LYS C 182 7.32 19.29 28.25
C LYS C 182 7.41 18.08 29.18
N ALA C 183 6.78 18.19 30.35
CA ALA C 183 6.81 17.11 31.33
C ALA C 183 6.25 15.80 30.78
N ILE C 184 5.36 15.89 29.80
CA ILE C 184 4.75 14.70 29.24
C ILE C 184 5.37 14.13 27.97
N PHE C 185 5.64 15.01 26.99
CA PHE C 185 6.16 14.57 25.71
C PHE C 185 7.67 14.64 25.48
N TRP C 186 8.36 15.41 26.30
CA TRP C 186 9.80 15.56 26.18
C TRP C 186 10.52 14.75 27.27
N LYS C 187 11.67 14.21 26.92
CA LYS C 187 12.45 13.43 27.89
C LYS C 187 13.94 13.76 27.75
N GLU C 188 14.48 14.39 28.79
CA GLU C 188 15.88 14.78 28.82
C GLU C 188 16.28 15.74 27.69
N GLY C 189 15.46 16.78 27.52
CA GLY C 189 15.74 17.78 26.50
C GLY C 189 15.51 17.28 25.09
N GLU C 190 14.93 16.09 24.98
CA GLU C 190 14.67 15.49 23.68
C GLU C 190 13.25 14.91 23.60
N PRO C 191 12.63 14.95 22.43
CA PRO C 191 11.29 14.38 22.34
C PRO C 191 11.44 12.86 22.45
N LEU C 192 10.39 12.17 22.91
CA LEU C 192 10.44 10.72 23.01
C LEU C 192 10.77 10.21 21.60
N LYS C 193 11.50 9.10 21.52
CA LYS C 193 11.88 8.53 20.23
C LYS C 193 11.15 7.22 19.95
N LYS C 194 11.31 6.69 18.74
CA LYS C 194 10.68 5.42 18.38
C LYS C 194 11.21 4.34 19.32
N GLY C 195 10.32 3.54 19.88
CA GLY C 195 10.74 2.50 20.80
C GLY C 195 10.50 2.86 22.26
N ASP C 196 10.49 4.15 22.57
CA ASP C 196 10.24 4.61 23.94
C ASP C 196 8.78 4.36 24.31
N THR C 197 8.47 4.48 25.59
CA THR C 197 7.11 4.27 26.09
C THR C 197 6.51 5.61 26.53
N LEU C 198 5.36 5.97 25.98
CA LEU C 198 4.70 7.22 26.33
C LEU C 198 3.56 6.96 27.32
N VAL C 199 3.73 7.44 28.55
CA VAL C 199 2.72 7.28 29.59
C VAL C 199 2.09 8.66 29.82
N GLN C 200 0.77 8.69 29.96
CA GLN C 200 0.04 9.94 30.19
C GLN C 200 -0.88 9.77 31.39
N ALA C 201 -0.29 9.85 32.59
CA ALA C 201 -1.00 9.68 33.85
C ALA C 201 -2.10 10.74 34.09
N ASN C 202 -1.79 11.99 33.77
CA ASN C 202 -2.77 13.06 33.94
C ASN C 202 -3.98 12.86 33.02
N LEU C 203 -3.73 12.54 31.75
CA LEU C 203 -4.81 12.31 30.80
C LEU C 203 -5.61 11.11 31.32
N ALA C 204 -4.91 10.12 31.85
CA ALA C 204 -5.56 8.94 32.41
C ALA C 204 -6.50 9.36 33.54
N LYS C 205 -6.08 10.30 34.38
CA LYS C 205 -6.97 10.74 35.47
C LYS C 205 -8.21 11.40 34.87
N SER C 206 -8.01 12.26 33.88
CA SER C 206 -9.13 12.93 33.22
C SER C 206 -10.11 11.94 32.60
N LEU C 207 -9.58 10.92 31.92
CA LEU C 207 -10.40 9.89 31.28
C LEU C 207 -11.18 9.13 32.36
N GLU C 208 -10.52 8.82 33.46
CA GLU C 208 -11.16 8.10 34.56
C GLU C 208 -12.30 8.94 35.16
N MET C 209 -12.12 10.25 35.20
CA MET C 209 -13.16 11.11 35.75
C MET C 209 -14.35 11.27 34.81
N ILE C 210 -14.08 11.36 33.51
CA ILE C 210 -15.13 11.48 32.51
C ILE C 210 -15.95 10.18 32.50
N ALA C 211 -15.24 9.06 32.66
CA ALA C 211 -15.91 7.78 32.67
C ALA C 211 -16.83 7.64 33.88
N GLU C 212 -16.45 8.24 35.01
CA GLU C 212 -17.27 8.15 36.21
C GLU C 212 -18.35 9.22 36.32
N ASN C 213 -17.98 10.47 36.03
CA ASN C 213 -18.91 11.61 36.11
C ASN C 213 -19.67 11.92 34.82
N GLY C 214 -19.18 11.43 33.69
CA GLY C 214 -19.83 11.72 32.42
C GLY C 214 -19.23 12.98 31.82
N PRO C 215 -19.74 13.44 30.67
CA PRO C 215 -19.22 14.63 30.01
C PRO C 215 -19.16 15.89 30.87
N ASP C 216 -19.93 15.94 31.96
CA ASP C 216 -19.90 17.12 32.84
C ASP C 216 -18.53 17.31 33.50
N GLU C 217 -17.80 16.22 33.70
CA GLU C 217 -16.47 16.32 34.30
C GLU C 217 -15.65 17.30 33.44
N PHE C 218 -15.80 17.19 32.13
CA PHE C 218 -15.06 18.04 31.20
C PHE C 218 -15.58 19.46 31.11
N TYR C 219 -16.91 19.60 31.08
CA TYR C 219 -17.54 20.91 30.93
C TYR C 219 -17.90 21.68 32.21
N LYS C 220 -17.93 20.99 33.35
CA LYS C 220 -18.29 21.65 34.60
C LYS C 220 -17.45 21.21 35.80
N GLY C 221 -16.78 20.06 35.69
CA GLY C 221 -16.00 19.55 36.81
C GLY C 221 -14.55 20.02 36.90
N THR C 222 -13.72 19.18 37.51
CA THR C 222 -12.31 19.49 37.69
C THR C 222 -11.56 19.86 36.40
N ILE C 223 -11.83 19.13 35.32
CA ILE C 223 -11.19 19.39 34.05
C ILE C 223 -11.56 20.80 33.54
N ALA C 224 -12.83 21.15 33.65
CA ALA C 224 -13.27 22.47 33.22
C ALA C 224 -12.50 23.54 34.00
N GLU C 225 -12.29 23.31 35.29
CA GLU C 225 -11.56 24.29 36.09
C GLU C 225 -10.11 24.32 35.61
N GLN C 226 -9.52 23.16 35.37
CA GLN C 226 -8.14 23.13 34.90
C GLN C 226 -7.97 23.93 33.59
N ILE C 227 -8.96 23.88 32.71
CA ILE C 227 -8.86 24.64 31.46
C ILE C 227 -9.00 26.13 31.76
N ALA C 228 -10.01 26.49 32.56
CA ALA C 228 -10.26 27.88 32.91
C ALA C 228 -9.05 28.49 33.63
N GLN C 229 -8.43 27.72 34.51
CA GLN C 229 -7.27 28.19 35.26
C GLN C 229 -6.09 28.47 34.34
N GLU C 230 -5.80 27.50 33.45
CA GLU C 230 -4.70 27.60 32.49
C GLU C 230 -4.89 28.85 31.64
N MET C 231 -6.14 29.11 31.25
CA MET C 231 -6.44 30.27 30.43
C MET C 231 -6.23 31.56 31.23
N GLN C 232 -6.85 31.66 32.39
CA GLN C 232 -6.72 32.86 33.21
C GLN C 232 -5.26 33.15 33.54
N LYS C 233 -4.55 32.12 33.99
CA LYS C 233 -3.16 32.28 34.37
C LYS C 233 -2.29 32.82 33.23
N ASN C 234 -2.57 32.40 32.00
CA ASN C 234 -1.77 32.82 30.85
C ASN C 234 -2.41 33.71 29.80
N GLY C 235 -3.42 34.47 30.16
CA GLY C 235 -4.04 35.37 29.20
C GLY C 235 -4.90 34.73 28.12
N GLY C 236 -5.60 33.66 28.46
CA GLY C 236 -6.48 32.98 27.51
C GLY C 236 -7.89 33.44 27.80
N LEU C 237 -8.85 33.07 26.97
CA LEU C 237 -10.23 33.52 27.18
C LEU C 237 -11.25 32.48 27.62
N ILE C 238 -10.94 31.20 27.42
CA ILE C 238 -11.91 30.18 27.79
C ILE C 238 -12.19 30.18 29.29
N THR C 239 -13.47 30.29 29.64
CA THR C 239 -13.89 30.30 31.04
C THR C 239 -14.83 29.14 31.32
N LYS C 240 -15.12 28.89 32.59
CA LYS C 240 -16.04 27.82 32.96
C LYS C 240 -17.41 28.14 32.35
N GLU C 241 -17.73 29.43 32.25
CA GLU C 241 -19.00 29.82 31.67
C GLU C 241 -19.06 29.39 30.20
N ASP C 242 -17.95 29.54 29.48
CA ASP C 242 -17.89 29.13 28.06
C ASP C 242 -18.10 27.61 27.93
N LEU C 243 -17.47 26.88 28.84
CA LEU C 243 -17.56 25.42 28.85
C LEU C 243 -18.96 24.93 29.20
N ALA C 244 -19.65 25.65 30.11
CA ALA C 244 -21.00 25.26 30.51
C ALA C 244 -22.00 25.58 29.40
N ALA C 245 -21.68 26.58 28.59
CA ALA C 245 -22.54 27.00 27.49
C ALA C 245 -22.28 26.19 26.20
N TYR C 246 -21.23 25.40 26.19
CA TYR C 246 -20.96 24.64 24.98
C TYR C 246 -21.97 23.52 24.75
N LYS C 247 -22.27 23.27 23.49
CA LYS C 247 -23.16 22.17 23.13
C LYS C 247 -22.84 21.69 21.72
N ALA C 248 -22.88 20.38 21.52
CA ALA C 248 -22.67 19.81 20.19
C ALA C 248 -24.05 20.01 19.56
N VAL C 249 -24.09 20.19 18.24
CA VAL C 249 -25.36 20.42 17.55
C VAL C 249 -25.66 19.41 16.44
N GLU C 250 -26.80 18.73 16.53
CA GLU C 250 -27.18 17.79 15.48
C GLU C 250 -27.73 18.59 14.31
N ARG C 251 -27.16 18.39 13.12
CA ARG C 251 -27.59 19.13 11.93
C ARG C 251 -27.98 18.19 10.78
N THR C 252 -28.68 18.75 9.80
CA THR C 252 -29.11 18.00 8.64
C THR C 252 -27.95 17.93 7.64
N PRO C 253 -27.53 16.72 7.27
CA PRO C 253 -26.41 16.56 6.32
C PRO C 253 -26.70 17.17 4.96
N ILE C 254 -25.67 17.61 4.26
CA ILE C 254 -25.86 18.11 2.91
C ILE C 254 -25.98 16.84 2.08
N SER C 255 -26.95 16.78 1.18
CA SER C 255 -27.13 15.59 0.34
C SER C 255 -27.29 15.97 -1.13
N GLY C 256 -26.64 15.19 -1.99
CA GLY C 256 -26.73 15.45 -3.41
C GLY C 256 -26.85 14.14 -4.15
N ASP C 257 -27.27 14.22 -5.40
CA ASP C 257 -27.40 13.04 -6.22
C ASP C 257 -26.39 13.15 -7.37
N TYR C 258 -25.56 12.13 -7.51
CA TYR C 258 -24.55 12.11 -8.56
C TYR C 258 -24.64 10.78 -9.33
N ARG C 259 -25.13 10.88 -10.57
CA ARG C 259 -25.30 9.71 -11.45
C ARG C 259 -26.00 8.54 -10.77
N GLY C 260 -27.05 8.82 -10.00
CA GLY C 260 -27.78 7.77 -9.32
C GLY C 260 -27.38 7.53 -7.88
N TYR C 261 -26.21 8.02 -7.49
CA TYR C 261 -25.72 7.84 -6.12
C TYR C 261 -26.08 9.05 -5.24
N GLN C 262 -26.46 8.79 -4.00
CA GLN C 262 -26.76 9.89 -3.10
C GLN C 262 -25.53 10.11 -2.22
N VAL C 263 -24.98 11.32 -2.30
CA VAL C 263 -23.80 11.69 -1.51
C VAL C 263 -24.23 12.54 -0.33
N TYR C 264 -23.87 12.10 0.89
CA TYR C 264 -24.17 12.83 2.11
C TYR C 264 -22.88 13.34 2.72
N SER C 265 -22.85 14.61 3.11
CA SER C 265 -21.64 15.16 3.71
C SER C 265 -21.99 16.20 4.77
N MET C 266 -20.96 16.79 5.37
CA MET C 266 -21.13 17.76 6.44
C MET C 266 -21.59 19.15 5.96
N PRO C 267 -22.64 19.70 6.58
CA PRO C 267 -23.18 21.03 6.25
C PRO C 267 -22.49 22.06 7.13
N PRO C 268 -22.77 23.35 6.92
CA PRO C 268 -22.14 24.40 7.74
C PRO C 268 -22.35 24.07 9.23
N PRO C 269 -21.38 24.43 10.10
CA PRO C 269 -20.10 25.13 9.96
C PRO C 269 -19.01 24.54 9.08
N SER C 270 -19.31 23.47 8.35
CA SER C 270 -18.34 22.90 7.46
C SER C 270 -18.56 23.49 6.07
N SER C 271 -17.47 23.73 5.36
CA SER C 271 -17.54 24.26 4.02
C SER C 271 -17.09 23.17 3.05
N GLY C 272 -17.25 21.92 3.47
CA GLY C 272 -16.85 20.79 2.63
C GLY C 272 -18.01 20.20 1.86
N GLY C 273 -18.99 19.67 2.58
CA GLY C 273 -20.14 19.04 1.95
C GLY C 273 -20.78 19.83 0.81
N ILE C 274 -21.16 21.07 1.09
CA ILE C 274 -21.80 21.89 0.06
C ILE C 274 -20.98 21.92 -1.23
N HIS C 275 -19.71 22.30 -1.10
CA HIS C 275 -18.83 22.39 -2.26
C HIS C 275 -18.55 21.04 -2.90
N ILE C 276 -18.47 19.98 -2.10
CA ILE C 276 -18.26 18.67 -2.69
C ILE C 276 -19.50 18.35 -3.54
N VAL C 277 -20.68 18.62 -3.00
CA VAL C 277 -21.91 18.35 -3.76
C VAL C 277 -21.97 19.28 -4.97
N GLN C 278 -21.56 20.53 -4.79
CA GLN C 278 -21.57 21.50 -5.87
C GLN C 278 -20.67 21.08 -7.04
N ILE C 279 -19.44 20.66 -6.74
CA ILE C 279 -18.52 20.23 -7.79
C ILE C 279 -19.08 19.01 -8.51
N LEU C 280 -19.60 18.06 -7.74
CA LEU C 280 -20.16 16.84 -8.33
C LEU C 280 -21.31 17.18 -9.27
N ASN C 281 -22.15 18.15 -8.90
CA ASN C 281 -23.28 18.53 -9.74
C ASN C 281 -22.76 18.97 -11.11
N ILE C 282 -21.66 19.71 -11.10
CA ILE C 282 -21.03 20.18 -12.33
C ILE C 282 -20.56 19.01 -13.18
N LEU C 283 -19.64 18.23 -12.63
CA LEU C 283 -19.08 17.07 -13.32
C LEU C 283 -20.16 16.17 -13.93
N GLU C 284 -21.34 16.17 -13.33
CA GLU C 284 -22.41 15.33 -13.84
C GLU C 284 -22.74 15.72 -15.28
N ASN C 285 -22.46 16.98 -15.62
CA ASN C 285 -22.71 17.48 -16.96
C ASN C 285 -21.75 16.86 -17.99
N PHE C 286 -20.51 16.66 -17.56
CA PHE C 286 -19.49 16.08 -18.42
C PHE C 286 -19.43 14.56 -18.21
N ASP C 287 -18.89 13.85 -19.18
CA ASP C 287 -18.79 12.39 -19.05
C ASP C 287 -17.38 12.05 -18.59
N MET C 288 -17.24 11.79 -17.28
CA MET C 288 -15.95 11.47 -16.71
C MET C 288 -15.45 10.07 -17.10
N LYS C 289 -16.38 9.11 -17.14
CA LYS C 289 -16.05 7.74 -17.48
C LYS C 289 -15.38 7.57 -18.84
N LYS C 290 -15.69 8.45 -19.79
CA LYS C 290 -15.09 8.38 -21.13
C LYS C 290 -13.60 8.72 -21.08
N TYR C 291 -13.30 9.93 -20.63
CA TYR C 291 -11.93 10.41 -20.54
C TYR C 291 -11.07 9.46 -19.71
N GLY C 292 -11.62 8.99 -18.59
CA GLY C 292 -10.91 8.07 -17.73
C GLY C 292 -9.94 8.74 -16.78
N PHE C 293 -9.58 8.04 -15.71
CA PHE C 293 -8.64 8.57 -14.72
C PHE C 293 -7.30 8.85 -15.39
N GLY C 294 -6.65 9.92 -14.97
CA GLY C 294 -5.36 10.27 -15.53
C GLY C 294 -5.42 11.28 -16.66
N SER C 295 -6.19 10.97 -17.70
CA SER C 295 -6.34 11.84 -18.87
C SER C 295 -6.41 13.31 -18.49
N ALA C 296 -5.76 14.17 -19.27
CA ALA C 296 -5.76 15.61 -18.99
C ALA C 296 -7.16 16.21 -19.18
N ASP C 297 -8.00 15.53 -19.95
CA ASP C 297 -9.36 16.01 -20.19
C ASP C 297 -10.13 15.97 -18.87
N ALA C 298 -10.22 14.78 -18.29
CA ALA C 298 -10.92 14.61 -17.02
C ALA C 298 -10.32 15.57 -15.99
N MET C 299 -9.01 15.76 -16.05
CA MET C 299 -8.30 16.64 -15.11
C MET C 299 -8.55 18.13 -15.27
N GLN C 300 -8.78 18.59 -16.50
CA GLN C 300 -9.04 20.01 -16.74
C GLN C 300 -10.47 20.33 -16.28
N ILE C 301 -11.41 19.47 -16.66
CA ILE C 301 -12.81 19.63 -16.29
C ILE C 301 -12.95 19.82 -14.78
N MET C 302 -12.39 18.87 -14.02
CA MET C 302 -12.46 18.94 -12.56
C MET C 302 -11.73 20.15 -11.98
N ALA C 303 -10.57 20.46 -12.54
CA ALA C 303 -9.77 21.59 -12.07
C ALA C 303 -10.51 22.93 -12.17
N GLU C 304 -11.18 23.14 -13.29
CA GLU C 304 -11.92 24.38 -13.50
C GLU C 304 -13.10 24.45 -12.53
N ALA C 305 -13.96 23.43 -12.58
CA ALA C 305 -15.12 23.34 -11.71
C ALA C 305 -14.77 23.76 -10.28
N GLU C 306 -13.60 23.33 -9.81
CA GLU C 306 -13.16 23.64 -8.46
C GLU C 306 -12.95 25.13 -8.16
N LYS C 307 -12.50 25.89 -9.15
CA LYS C 307 -12.25 27.31 -8.96
C LYS C 307 -13.49 28.06 -8.46
N TYR C 308 -14.63 27.77 -9.07
CA TYR C 308 -15.88 28.41 -8.70
C TYR C 308 -16.30 28.18 -7.25
N ALA C 309 -16.40 26.91 -6.87
CA ALA C 309 -16.81 26.52 -5.51
C ALA C 309 -15.95 27.21 -4.45
N TYR C 310 -14.64 27.18 -4.65
CA TYR C 310 -13.72 27.80 -3.72
C TYR C 310 -13.94 29.31 -3.70
N ALA C 311 -14.38 29.87 -4.83
CA ALA C 311 -14.66 31.30 -4.91
C ALA C 311 -15.81 31.60 -3.96
N ASP C 312 -16.86 30.79 -4.03
CA ASP C 312 -18.03 30.94 -3.19
C ASP C 312 -17.74 30.71 -1.71
N ARG C 313 -16.86 29.75 -1.41
CA ARG C 313 -16.51 29.43 -0.03
C ARG C 313 -16.14 30.70 0.74
N SER C 314 -15.26 31.50 0.15
CA SER C 314 -14.80 32.75 0.76
C SER C 314 -15.94 33.75 0.92
N GLU C 315 -17.02 33.52 0.17
CA GLU C 315 -18.16 34.44 0.20
C GLU C 315 -19.37 33.99 1.03
N TYR C 316 -20.02 32.94 0.55
CA TYR C 316 -21.24 32.42 1.17
C TYR C 316 -21.16 31.40 2.31
N LEU C 317 -20.04 31.28 3.00
CA LEU C 317 -19.95 30.28 4.07
C LEU C 317 -19.58 30.79 5.47
N GLY C 318 -20.28 30.25 6.47
CA GLY C 318 -20.04 30.62 7.85
C GLY C 318 -20.84 29.77 8.80
N ASP C 319 -20.77 30.09 10.10
CA ASP C 319 -21.52 29.35 11.11
C ASP C 319 -22.99 29.67 10.79
N PRO C 320 -23.78 28.64 10.46
CA PRO C 320 -25.19 28.83 10.12
C PRO C 320 -26.02 29.45 11.24
N ASP C 321 -25.52 29.40 12.47
CA ASP C 321 -26.25 29.97 13.59
C ASP C 321 -26.04 31.48 13.65
N PHE C 322 -25.08 31.97 12.87
CA PHE C 322 -24.79 33.39 12.86
C PHE C 322 -25.06 34.04 11.49
N VAL C 323 -25.00 33.25 10.44
CA VAL C 323 -25.28 33.77 9.11
C VAL C 323 -26.08 32.74 8.31
N LYS C 324 -26.90 33.24 7.39
CA LYS C 324 -27.72 32.35 6.58
C LYS C 324 -26.91 31.93 5.35
N VAL C 325 -26.71 30.62 5.19
CA VAL C 325 -25.97 30.11 4.05
C VAL C 325 -26.92 29.69 2.93
N PRO C 326 -26.66 30.18 1.70
CA PRO C 326 -27.50 29.84 0.54
C PRO C 326 -27.14 28.45 0.02
N TRP C 327 -27.21 27.46 0.90
CA TRP C 327 -26.85 26.10 0.53
C TRP C 327 -27.74 25.45 -0.52
N GLN C 328 -28.98 25.90 -0.67
CA GLN C 328 -29.84 25.30 -1.68
C GLN C 328 -29.40 25.76 -3.07
N ALA C 329 -29.12 27.06 -3.18
CA ALA C 329 -28.66 27.62 -4.44
C ALA C 329 -27.26 27.08 -4.76
N LEU C 330 -26.40 27.08 -3.75
CA LEU C 330 -25.04 26.59 -3.95
C LEU C 330 -25.03 25.14 -4.44
N THR C 331 -26.07 24.39 -4.12
CA THR C 331 -26.15 22.99 -4.54
C THR C 331 -27.20 22.73 -5.62
N ASN C 332 -27.72 23.81 -6.18
CA ASN C 332 -28.74 23.74 -7.23
C ASN C 332 -28.15 23.21 -8.54
N LYS C 333 -28.76 22.19 -9.11
CA LYS C 333 -28.26 21.60 -10.36
C LYS C 333 -28.30 22.51 -11.59
N ALA C 334 -29.30 23.38 -11.66
CA ALA C 334 -29.41 24.30 -12.79
C ALA C 334 -28.21 25.23 -12.74
N TYR C 335 -27.84 25.64 -11.53
CA TYR C 335 -26.70 26.52 -11.32
C TYR C 335 -25.41 25.79 -11.67
N ALA C 336 -25.37 24.49 -11.40
CA ALA C 336 -24.19 23.69 -11.69
C ALA C 336 -23.99 23.67 -13.21
N LYS C 337 -25.08 23.92 -13.93
CA LYS C 337 -25.02 23.94 -15.39
C LYS C 337 -24.52 25.33 -15.83
N SER C 338 -24.98 26.37 -15.14
CA SER C 338 -24.57 27.72 -15.46
C SER C 338 -23.07 27.88 -15.24
N ILE C 339 -22.47 26.90 -14.56
CA ILE C 339 -21.05 26.91 -14.31
C ILE C 339 -20.35 25.95 -15.27
N ALA C 340 -20.99 24.83 -15.56
CA ALA C 340 -20.44 23.84 -16.48
C ALA C 340 -20.20 24.43 -17.86
N ASP C 341 -20.65 25.67 -18.05
CA ASP C 341 -20.48 26.36 -19.33
C ASP C 341 -19.24 27.25 -19.30
N GLN C 342 -19.12 28.07 -18.27
CA GLN C 342 -17.97 28.96 -18.13
C GLN C 342 -16.69 28.14 -18.00
N ILE C 343 -16.83 26.82 -18.04
CA ILE C 343 -15.70 25.90 -17.95
C ILE C 343 -15.09 25.65 -19.33
N ASP C 344 -13.85 26.09 -19.51
CA ASP C 344 -13.14 25.94 -20.77
C ASP C 344 -12.27 24.68 -20.79
N ILE C 345 -12.63 23.74 -21.66
CA ILE C 345 -11.89 22.48 -21.79
C ILE C 345 -10.39 22.66 -22.02
N ASN C 346 -10.02 23.65 -22.84
CA ASN C 346 -8.61 23.87 -23.15
C ASN C 346 -8.02 25.14 -22.54
N LYS C 347 -8.83 25.93 -21.86
CA LYS C 347 -8.34 27.15 -21.24
C LYS C 347 -8.76 27.26 -19.77
N ALA C 348 -7.93 27.93 -18.98
CA ALA C 348 -8.20 28.11 -17.56
C ALA C 348 -8.46 29.58 -17.27
N LYS C 349 -9.58 29.87 -16.61
CA LYS C 349 -9.91 31.25 -16.27
C LYS C 349 -9.17 31.64 -15.00
N PRO C 350 -8.17 32.51 -15.12
CA PRO C 350 -7.40 32.93 -13.94
C PRO C 350 -8.31 33.23 -12.75
N SER C 351 -7.85 32.89 -11.55
CA SER C 351 -8.62 33.11 -10.35
C SER C 351 -9.00 34.59 -10.22
N SER C 352 -8.39 35.43 -11.07
CA SER C 352 -8.67 36.86 -11.06
C SER C 352 -9.85 37.17 -11.98
N GLU C 353 -10.24 36.19 -12.79
CA GLU C 353 -11.37 36.35 -13.72
C GLU C 353 -12.59 35.55 -13.25
N ILE C 354 -12.61 35.21 -11.97
CA ILE C 354 -13.72 34.46 -11.37
C ILE C 354 -14.04 35.09 -10.03
N ARG C 355 -15.31 35.06 -9.65
CA ARG C 355 -15.77 35.63 -8.37
C ARG C 355 -17.00 34.85 -7.91
N PRO C 356 -17.43 35.05 -6.65
CA PRO C 356 -18.61 34.34 -6.15
C PRO C 356 -19.81 34.59 -7.07
N GLY C 357 -20.20 33.58 -7.82
CA GLY C 357 -21.32 33.70 -8.74
C GLY C 357 -22.57 34.32 -8.14
N LYS C 358 -23.52 34.71 -9.00
CA LYS C 358 -24.77 35.30 -8.53
C LYS C 358 -25.81 34.19 -8.32
N LEU C 359 -26.25 34.05 -7.07
CA LEU C 359 -27.20 33.01 -6.70
C LEU C 359 -28.67 33.42 -6.77
N ALA C 360 -28.95 34.68 -6.48
CA ALA C 360 -30.32 35.22 -6.49
C ALA C 360 -31.26 34.50 -7.47
N PRO C 361 -30.84 34.33 -8.74
CA PRO C 361 -31.70 33.65 -9.72
C PRO C 361 -31.90 32.16 -9.47
N TYR C 362 -31.45 31.68 -8.31
CA TYR C 362 -31.57 30.27 -7.94
C TYR C 362 -32.16 30.09 -6.54
N GLU C 363 -32.00 31.10 -5.70
CA GLU C 363 -32.50 31.07 -4.32
C GLU C 363 -33.86 30.38 -4.22
N THR D 1 -5.16 17.16 12.04
CA THR D 1 -6.51 16.56 11.63
C THR D 1 -6.43 15.09 11.39
N THR D 2 -7.54 14.36 11.59
CA THR D 2 -7.46 12.95 11.34
C THR D 2 -8.89 12.47 11.09
N HIS D 3 -9.03 11.47 10.21
CA HIS D 3 -10.34 10.92 9.91
C HIS D 3 -10.39 9.40 10.11
N TYR D 4 -11.54 8.90 10.54
CA TYR D 4 -11.70 7.46 10.69
C TYR D 4 -13.13 7.04 10.33
N SER D 5 -13.28 5.83 9.83
CA SER D 5 -14.59 5.32 9.41
C SER D 5 -14.87 3.98 10.08
N VAL D 6 -16.16 3.73 10.35
CA VAL D 6 -16.60 2.50 10.99
C VAL D 6 -17.90 1.97 10.38
N VAL D 7 -17.98 0.66 10.21
CA VAL D 7 -19.20 0.03 9.69
C VAL D 7 -19.35 -1.27 10.48
N ASP D 8 -20.49 -1.46 11.16
CA ASP D 8 -20.73 -2.67 11.95
C ASP D 8 -21.49 -3.77 11.20
N LYS D 9 -21.63 -4.92 11.87
CA LYS D 9 -22.30 -6.09 11.31
C LYS D 9 -23.76 -5.85 10.90
N ASP D 10 -24.37 -4.78 11.42
CA ASP D 10 -25.76 -4.49 11.07
C ASP D 10 -25.89 -3.53 9.89
N GLY D 11 -24.76 -2.98 9.46
CA GLY D 11 -24.79 -2.05 8.35
C GLY D 11 -24.79 -0.59 8.76
N ASN D 12 -24.70 -0.32 10.07
CA ASN D 12 -24.66 1.07 10.51
C ASN D 12 -23.27 1.57 10.13
N ALA D 13 -23.18 2.87 9.83
CA ALA D 13 -21.90 3.45 9.44
C ALA D 13 -21.67 4.80 10.13
N VAL D 14 -20.41 5.05 10.47
CA VAL D 14 -20.03 6.30 11.10
C VAL D 14 -18.75 6.81 10.44
N ALA D 15 -18.71 8.11 10.13
CA ALA D 15 -17.53 8.74 9.55
C ALA D 15 -17.22 9.89 10.51
N VAL D 16 -15.99 9.93 11.04
CA VAL D 16 -15.59 10.99 11.98
C VAL D 16 -14.31 11.71 11.57
N THR D 17 -14.35 13.04 11.50
CA THR D 17 -13.15 13.80 11.21
C THR D 17 -13.02 14.81 12.36
N TYR D 18 -11.95 14.71 13.15
CA TYR D 18 -11.75 15.68 14.23
C TYR D 18 -10.30 16.15 14.32
N THR D 19 -10.03 17.16 15.14
CA THR D 19 -8.69 17.72 15.12
C THR D 19 -8.45 18.79 16.20
N LEU D 20 -7.18 19.20 16.30
CA LEU D 20 -6.75 20.26 17.22
C LEU D 20 -6.36 21.42 16.31
N ASN D 21 -6.50 21.17 15.02
CA ASN D 21 -6.15 22.06 13.93
C ASN D 21 -4.71 21.74 13.53
N THR D 22 -3.70 22.51 13.93
CA THR D 22 -2.35 22.13 13.51
C THR D 22 -1.88 20.93 14.35
N THR D 23 -0.74 20.35 13.98
CA THR D 23 -0.20 19.18 14.68
C THR D 23 0.13 19.48 16.14
N PHE D 24 -0.63 18.87 17.04
CA PHE D 24 -0.50 19.07 18.50
C PHE D 24 -1.20 20.38 18.89
N GLY D 25 -1.89 21.00 17.94
CA GLY D 25 -2.57 22.24 18.21
C GLY D 25 -1.58 23.30 18.72
N THR D 26 -1.89 23.93 19.83
CA THR D 26 -1.01 24.97 20.37
C THR D 26 0.17 24.33 21.08
N GLY D 27 0.08 23.05 21.37
CA GLY D 27 1.15 22.37 22.08
C GLY D 27 1.07 22.69 23.56
N ILE D 28 -0.06 23.29 23.96
CA ILE D 28 -0.26 23.66 25.36
C ILE D 28 -1.20 22.68 26.07
N VAL D 29 -0.69 22.02 27.10
CA VAL D 29 -1.50 21.10 27.89
C VAL D 29 -2.21 21.95 28.95
N ALA D 30 -3.50 21.70 29.14
CA ALA D 30 -4.28 22.49 30.10
C ALA D 30 -4.06 22.04 31.54
N GLY D 31 -3.14 22.72 32.22
CA GLY D 31 -2.84 22.39 33.60
C GLY D 31 -2.45 20.94 33.78
N GLU D 32 -3.02 20.31 34.81
CA GLU D 32 -2.73 18.92 35.14
C GLU D 32 -3.73 17.94 34.50
N SER D 33 -4.47 18.39 33.50
CA SER D 33 -5.45 17.52 32.86
C SER D 33 -4.84 16.57 31.83
N GLY D 34 -3.65 16.91 31.33
CA GLY D 34 -2.99 16.08 30.34
C GLY D 34 -3.62 16.24 28.95
N ILE D 35 -4.47 17.25 28.79
CA ILE D 35 -5.18 17.48 27.54
C ILE D 35 -4.58 18.63 26.73
N LEU D 36 -4.19 18.34 25.49
CA LEU D 36 -3.64 19.38 24.61
C LEU D 36 -4.75 20.30 24.12
N LEU D 37 -4.43 21.59 23.95
CA LEU D 37 -5.39 22.57 23.52
C LEU D 37 -5.30 22.95 22.04
N ASN D 38 -6.46 22.95 21.38
CA ASN D 38 -6.57 23.28 19.96
C ASN D 38 -6.16 24.73 19.63
N ASN D 39 -5.82 24.98 18.36
CA ASN D 39 -5.56 26.36 17.91
C ASN D 39 -6.51 26.62 16.74
N GLN D 40 -7.76 26.19 16.95
CA GLN D 40 -8.86 26.31 15.99
C GLN D 40 -9.21 27.75 15.65
N MET D 41 -8.95 28.68 16.57
CA MET D 41 -9.27 30.09 16.34
C MET D 41 -8.65 30.62 15.05
N ASP D 42 -7.57 29.98 14.58
CA ASP D 42 -6.92 30.40 13.33
C ASP D 42 -7.77 30.15 12.08
N ASP D 43 -8.80 29.32 12.22
CA ASP D 43 -9.67 29.04 11.08
C ASP D 43 -10.62 30.19 10.75
N PHE D 44 -10.71 31.18 11.65
CA PHE D 44 -11.55 32.34 11.40
C PHE D 44 -10.77 33.28 10.48
N SER D 45 -11.48 34.17 9.82
CA SER D 45 -10.81 35.15 9.00
C SER D 45 -10.42 36.19 10.07
N ALA D 46 -9.12 36.28 10.38
CA ALA D 46 -8.64 37.22 11.38
C ALA D 46 -8.85 38.67 10.93
N LYS D 47 -8.90 38.85 9.61
CA LYS D 47 -9.12 40.16 9.00
C LYS D 47 -9.62 39.91 7.58
N PRO D 48 -10.65 40.65 7.14
CA PRO D 48 -11.19 40.46 5.79
C PRO D 48 -10.12 40.54 4.71
N GLY D 49 -9.89 39.42 4.01
CA GLY D 49 -8.91 39.42 2.94
C GLY D 49 -7.55 38.79 3.19
N VAL D 50 -7.28 38.42 4.44
CA VAL D 50 -6.00 37.80 4.80
C VAL D 50 -6.14 36.29 4.92
N PRO D 51 -5.23 35.52 4.29
CA PRO D 51 -5.29 34.05 4.35
C PRO D 51 -4.77 33.51 5.68
N ASN D 52 -5.41 32.45 6.17
CA ASN D 52 -4.98 31.85 7.43
C ASN D 52 -3.89 30.82 7.12
N VAL D 53 -3.54 29.98 8.09
CA VAL D 53 -2.49 28.98 7.93
C VAL D 53 -2.67 28.06 6.72
N TYR D 54 -3.91 27.86 6.28
CA TYR D 54 -4.19 26.99 5.14
C TYR D 54 -4.39 27.76 3.84
N GLY D 55 -4.17 29.07 3.89
CA GLY D 55 -4.34 29.92 2.72
C GLY D 55 -5.79 30.26 2.39
N LEU D 56 -6.69 29.96 3.33
CA LEU D 56 -8.13 30.25 3.15
C LEU D 56 -8.43 31.67 3.59
N VAL D 57 -9.41 32.31 2.95
CA VAL D 57 -9.79 33.69 3.29
C VAL D 57 -11.30 33.87 3.49
N GLY D 58 -11.66 34.87 4.27
CA GLY D 58 -13.08 35.10 4.53
C GLY D 58 -13.44 36.56 4.75
N GLY D 59 -14.62 36.77 5.30
CA GLY D 59 -15.08 38.12 5.57
C GLY D 59 -15.96 38.15 6.80
N ASP D 60 -17.06 38.87 6.69
CA ASP D 60 -17.99 38.99 7.81
C ASP D 60 -18.51 37.62 8.26
N ALA D 61 -18.85 36.79 7.29
CA ALA D 61 -19.39 35.46 7.56
C ALA D 61 -18.50 34.58 8.44
N ASN D 62 -17.18 34.63 8.21
CA ASN D 62 -16.24 33.80 8.97
C ASN D 62 -15.33 34.62 9.87
N ALA D 63 -15.76 35.83 10.21
CA ALA D 63 -14.98 36.71 11.07
C ALA D 63 -15.06 36.19 12.50
N VAL D 64 -14.03 36.46 13.30
CA VAL D 64 -14.05 36.03 14.69
C VAL D 64 -15.27 36.69 15.34
N GLY D 65 -15.90 35.98 16.27
CA GLY D 65 -17.06 36.51 16.97
C GLY D 65 -17.32 35.68 18.19
N PRO D 66 -17.78 36.28 19.30
CA PRO D 66 -18.03 35.45 20.48
C PRO D 66 -19.02 34.31 20.23
N ASN D 67 -18.70 33.15 20.80
CA ASN D 67 -19.53 31.95 20.68
C ASN D 67 -19.74 31.38 19.27
N LYS D 68 -19.01 31.93 18.31
CA LYS D 68 -19.12 31.49 16.93
C LYS D 68 -18.25 30.27 16.65
N ARG D 69 -18.65 29.46 15.68
CA ARG D 69 -17.88 28.28 15.29
C ARG D 69 -17.12 28.62 14.02
N PRO D 70 -15.78 28.55 14.06
CA PRO D 70 -15.01 28.87 12.86
C PRO D 70 -15.28 27.88 11.73
N LEU D 71 -15.33 28.40 10.50
CA LEU D 71 -15.58 27.58 9.34
C LEU D 71 -14.49 26.52 9.20
N SER D 72 -14.89 25.31 8.83
CA SER D 72 -13.95 24.20 8.64
C SER D 72 -14.16 23.59 7.25
N SER D 73 -13.20 22.77 6.80
CA SER D 73 -13.32 22.12 5.51
C SER D 73 -13.53 20.61 5.73
N MET D 74 -13.46 20.18 6.99
CA MET D 74 -13.61 18.76 7.30
C MET D 74 -14.92 18.23 6.68
N SER D 75 -14.80 17.12 5.96
CA SER D 75 -15.97 16.57 5.29
C SER D 75 -16.21 15.06 5.42
N PRO D 76 -16.62 14.58 6.62
CA PRO D 76 -16.88 13.14 6.77
C PRO D 76 -17.99 12.88 5.75
N THR D 77 -17.81 11.87 4.89
CA THR D 77 -18.77 11.63 3.83
C THR D 77 -19.26 10.19 3.69
N ILE D 78 -20.55 10.05 3.40
CA ILE D 78 -21.15 8.74 3.20
C ILE D 78 -21.94 8.76 1.89
N VAL D 79 -21.60 7.87 0.97
CA VAL D 79 -22.27 7.77 -0.32
C VAL D 79 -23.21 6.57 -0.23
N VAL D 80 -24.43 6.77 -0.71
CA VAL D 80 -25.47 5.75 -0.67
C VAL D 80 -25.82 5.28 -2.09
N LYS D 81 -25.98 3.98 -2.24
CA LYS D 81 -26.30 3.38 -3.52
C LYS D 81 -27.50 2.45 -3.35
N ASP D 82 -28.54 2.70 -4.12
CA ASP D 82 -29.73 1.87 -4.05
C ASP D 82 -30.26 1.84 -2.61
N GLY D 83 -30.20 3.00 -1.96
CA GLY D 83 -30.69 3.10 -0.60
C GLY D 83 -29.81 2.43 0.44
N LYS D 84 -28.62 2.01 0.06
CA LYS D 84 -27.72 1.37 1.02
C LYS D 84 -26.34 2.02 1.09
N THR D 85 -25.82 2.17 2.30
CA THR D 85 -24.50 2.74 2.51
C THR D 85 -23.55 1.97 1.57
N TRP D 86 -22.78 2.71 0.79
CA TRP D 86 -21.87 2.09 -0.16
C TRP D 86 -20.42 2.51 0.07
N LEU D 87 -20.21 3.78 0.37
CA LEU D 87 -18.86 4.30 0.63
C LEU D 87 -18.83 5.22 1.84
N VAL D 88 -17.88 4.97 2.75
CA VAL D 88 -17.72 5.79 3.93
C VAL D 88 -16.28 6.31 3.85
N THR D 89 -16.11 7.62 3.76
CA THR D 89 -14.77 8.18 3.64
C THR D 89 -14.63 9.58 4.27
N GLY D 90 -13.44 10.15 4.12
CA GLY D 90 -13.14 11.43 4.71
C GLY D 90 -11.63 11.58 4.77
N SER D 91 -11.15 12.72 5.25
CA SER D 91 -9.71 12.94 5.28
C SER D 91 -9.28 14.30 5.84
N PRO D 92 -8.01 14.40 6.28
CA PRO D 92 -7.50 15.66 6.81
C PRO D 92 -6.96 16.41 5.59
N GLY D 93 -6.37 17.58 5.78
CA GLY D 93 -5.80 18.33 4.67
C GLY D 93 -6.42 19.69 4.45
N GLY D 94 -7.07 20.21 5.49
CA GLY D 94 -7.73 21.49 5.42
C GLY D 94 -8.38 21.76 4.08
N SER D 95 -7.89 22.80 3.43
CA SER D 95 -8.38 23.24 2.14
C SER D 95 -8.54 22.10 1.13
N ARG D 96 -7.58 21.17 1.13
CA ARG D 96 -7.61 20.06 0.17
C ARG D 96 -8.57 18.92 0.51
N ILE D 97 -9.19 18.96 1.68
CA ILE D 97 -10.13 17.90 2.07
C ILE D 97 -11.22 17.74 1.03
N ILE D 98 -11.75 18.88 0.58
CA ILE D 98 -12.80 18.91 -0.42
C ILE D 98 -12.45 18.14 -1.70
N THR D 99 -11.27 18.42 -2.25
CA THR D 99 -10.87 17.76 -3.48
C THR D 99 -10.41 16.32 -3.23
N THR D 100 -9.84 16.06 -2.06
CA THR D 100 -9.40 14.70 -1.74
C THR D 100 -10.63 13.79 -1.69
N VAL D 101 -11.65 14.19 -0.94
CA VAL D 101 -12.88 13.38 -0.83
C VAL D 101 -13.58 13.31 -2.19
N LEU D 102 -13.57 14.43 -2.91
CA LEU D 102 -14.18 14.50 -4.22
C LEU D 102 -13.58 13.41 -5.12
N GLN D 103 -12.26 13.32 -5.11
CA GLN D 103 -11.56 12.34 -5.92
C GLN D 103 -11.88 10.91 -5.46
N MET D 104 -12.14 10.71 -4.18
CA MET D 104 -12.49 9.37 -3.72
C MET D 104 -13.85 9.02 -4.35
N VAL D 105 -14.76 9.98 -4.36
CA VAL D 105 -16.09 9.74 -4.94
C VAL D 105 -16.03 9.50 -6.46
N VAL D 106 -15.29 10.34 -7.17
CA VAL D 106 -15.17 10.20 -8.62
C VAL D 106 -14.49 8.89 -9.03
N ASN D 107 -13.40 8.56 -8.34
CA ASN D 107 -12.66 7.32 -8.63
C ASN D 107 -13.56 6.09 -8.50
N SER D 108 -14.37 6.09 -7.45
CA SER D 108 -15.29 5.00 -7.17
C SER D 108 -16.48 4.89 -8.13
N ILE D 109 -17.17 6.00 -8.37
CA ILE D 109 -18.33 5.98 -9.25
C ILE D 109 -18.01 6.00 -10.75
N ASP D 110 -17.29 7.03 -11.19
CA ASP D 110 -16.92 7.20 -12.60
C ASP D 110 -15.91 6.21 -13.17
N TYR D 111 -14.84 5.96 -12.42
CA TYR D 111 -13.80 5.04 -12.91
C TYR D 111 -13.95 3.61 -12.41
N GLY D 112 -14.91 3.39 -11.52
CA GLY D 112 -15.14 2.06 -10.98
C GLY D 112 -13.95 1.44 -10.27
N LEU D 113 -13.16 2.25 -9.59
CA LEU D 113 -11.99 1.73 -8.88
C LEU D 113 -12.39 1.20 -7.50
N ASN D 114 -11.82 0.06 -7.07
CA ASN D 114 -12.18 -0.45 -5.75
C ASN D 114 -11.68 0.59 -4.74
N VAL D 115 -12.03 0.43 -3.47
CA VAL D 115 -11.62 1.44 -2.50
C VAL D 115 -10.11 1.59 -2.31
N ALA D 116 -9.35 0.50 -2.51
CA ALA D 116 -7.89 0.56 -2.39
C ALA D 116 -7.33 1.33 -3.59
N GLU D 117 -7.78 0.98 -4.79
CA GLU D 117 -7.33 1.65 -6.01
C GLU D 117 -7.64 3.14 -5.89
N ALA D 118 -8.86 3.48 -5.45
CA ALA D 118 -9.28 4.88 -5.31
C ALA D 118 -8.41 5.64 -4.30
N THR D 119 -8.02 4.95 -3.23
CA THR D 119 -7.20 5.54 -2.18
C THR D 119 -5.75 5.78 -2.62
N ASN D 120 -5.17 4.81 -3.31
CA ASN D 120 -3.80 4.89 -3.76
C ASN D 120 -3.55 5.70 -5.03
N ALA D 121 -4.61 6.09 -5.72
CA ALA D 121 -4.47 6.88 -6.95
C ALA D 121 -3.93 8.27 -6.65
N PRO D 122 -3.14 8.83 -7.58
CA PRO D 122 -2.58 10.17 -7.38
C PRO D 122 -3.68 11.23 -7.30
N ARG D 123 -3.39 12.34 -6.62
CA ARG D 123 -4.36 13.42 -6.42
C ARG D 123 -3.91 14.81 -6.91
N PHE D 124 -4.89 15.67 -7.19
CA PHE D 124 -4.64 17.06 -7.62
C PHE D 124 -5.65 17.98 -6.94
N HIS D 125 -5.28 19.25 -6.81
CA HIS D 125 -6.08 20.27 -6.11
C HIS D 125 -6.11 21.63 -6.81
N HIS D 126 -6.90 22.57 -6.26
CA HIS D 126 -7.03 23.95 -6.78
C HIS D 126 -7.98 24.75 -5.90
N GLN D 127 -7.46 25.55 -4.97
CA GLN D 127 -8.32 26.30 -4.06
C GLN D 127 -8.60 27.76 -4.45
N TRP D 128 -8.62 28.02 -5.76
CA TRP D 128 -8.86 29.35 -6.31
C TRP D 128 -7.68 30.26 -5.98
N LEU D 129 -7.49 30.56 -4.69
CA LEU D 129 -6.38 31.40 -4.25
C LEU D 129 -5.59 30.77 -3.10
N PRO D 130 -4.26 30.63 -3.27
CA PRO D 130 -3.54 31.02 -4.49
C PRO D 130 -3.97 30.22 -5.71
N ASP D 131 -3.65 30.73 -6.90
CA ASP D 131 -4.03 30.04 -8.14
C ASP D 131 -2.88 29.14 -8.60
N GLU D 132 -3.18 27.86 -8.76
CA GLU D 132 -2.19 26.86 -9.17
C GLU D 132 -2.82 25.48 -9.12
N LEU D 133 -2.76 24.75 -10.23
CA LEU D 133 -3.32 23.39 -10.27
C LEU D 133 -2.31 22.46 -9.61
N ARG D 134 -2.39 22.37 -8.29
CA ARG D 134 -1.49 21.52 -7.49
C ARG D 134 -1.66 20.02 -7.78
N VAL D 135 -0.56 19.29 -7.71
CA VAL D 135 -0.58 17.86 -7.95
C VAL D 135 0.39 17.13 -7.03
N GLU D 136 0.31 15.80 -7.08
CA GLU D 136 1.21 14.93 -6.30
C GLU D 136 2.00 14.24 -7.41
N LYS D 137 3.07 13.54 -7.03
CA LYS D 137 3.85 12.81 -8.00
C LYS D 137 2.87 11.73 -8.45
N GLY D 138 2.97 11.24 -9.69
CA GLY D 138 2.06 10.20 -10.10
C GLY D 138 1.41 10.29 -11.46
N PHE D 139 1.30 11.49 -12.02
CA PHE D 139 0.69 11.65 -13.35
C PHE D 139 1.77 11.60 -14.42
N SER D 140 1.49 10.94 -15.54
CA SER D 140 2.46 10.82 -16.63
C SER D 140 2.82 12.20 -17.17
N PRO D 141 4.12 12.43 -17.44
CA PRO D 141 4.65 13.70 -17.96
C PRO D 141 3.85 14.21 -19.17
N ASP D 142 3.39 13.28 -20.00
CA ASP D 142 2.61 13.61 -21.18
C ASP D 142 1.35 14.38 -20.81
N THR D 143 0.58 13.83 -19.87
CA THR D 143 -0.66 14.45 -19.43
C THR D 143 -0.42 15.83 -18.79
N LEU D 144 0.64 15.94 -17.99
CA LEU D 144 0.95 17.20 -17.34
C LEU D 144 1.35 18.33 -18.27
N LYS D 145 1.59 18.01 -19.54
CA LYS D 145 1.95 19.03 -20.51
C LYS D 145 0.65 19.61 -21.10
N LEU D 146 -0.10 18.75 -21.78
CA LEU D 146 -1.36 19.12 -22.40
C LEU D 146 -2.13 20.05 -21.46
N LEU D 147 -2.03 19.75 -20.18
CA LEU D 147 -2.69 20.51 -19.12
C LEU D 147 -2.06 21.90 -18.97
N GLU D 148 -0.75 21.94 -18.78
CA GLU D 148 -0.04 23.21 -18.62
C GLU D 148 -0.23 24.06 -19.88
N ALA D 149 -0.51 23.37 -20.99
CA ALA D 149 -0.73 24.02 -22.26
C ALA D 149 -2.09 24.71 -22.23
N LYS D 150 -2.86 24.45 -21.18
CA LYS D 150 -4.18 25.03 -21.04
C LYS D 150 -4.17 26.14 -19.98
N GLY D 151 -2.99 26.66 -19.69
CA GLY D 151 -2.85 27.73 -18.73
C GLY D 151 -2.77 27.29 -17.28
N GLN D 152 -2.80 25.98 -17.06
CA GLN D 152 -2.75 25.44 -15.72
C GLN D 152 -1.36 25.54 -15.08
N LYS D 153 -1.23 26.40 -14.08
CA LYS D 153 0.05 26.56 -13.40
C LYS D 153 0.32 25.39 -12.46
N VAL D 154 0.60 24.23 -13.04
CA VAL D 154 0.87 23.02 -12.26
C VAL D 154 2.00 23.27 -11.25
N ALA D 155 1.81 22.79 -10.02
CA ALA D 155 2.82 22.97 -8.98
C ALA D 155 2.92 21.76 -8.06
N LEU D 156 3.80 20.83 -8.42
CA LEU D 156 4.03 19.61 -7.64
C LEU D 156 4.38 19.94 -6.19
N LYS D 157 3.56 19.48 -5.26
CA LYS D 157 3.78 19.70 -3.84
C LYS D 157 3.68 18.36 -3.11
N GLU D 158 3.86 18.39 -1.78
CA GLU D 158 3.79 17.18 -0.98
C GLU D 158 2.47 16.43 -1.09
N ALA D 159 2.48 15.19 -0.60
CA ALA D 159 1.31 14.33 -0.62
C ALA D 159 0.11 15.02 0.05
N MET D 160 -1.08 14.81 -0.50
CA MET D 160 -2.28 15.40 0.08
C MET D 160 -3.24 14.40 0.72
N GLY D 161 -3.55 14.65 2.00
CA GLY D 161 -4.50 13.83 2.74
C GLY D 161 -4.12 12.49 3.34
N SER D 162 -5.10 11.89 4.00
CA SER D 162 -4.99 10.58 4.63
C SER D 162 -6.40 9.99 4.71
N THR D 163 -6.85 9.40 3.61
CA THR D 163 -8.17 8.80 3.58
C THR D 163 -8.18 7.47 4.32
N GLN D 164 -9.26 7.19 5.03
CA GLN D 164 -9.42 5.95 5.80
C GLN D 164 -10.88 5.65 5.45
N SER D 165 -11.07 4.73 4.52
CA SER D 165 -12.41 4.47 4.00
C SER D 165 -12.84 3.00 3.99
N ILE D 166 -14.16 2.83 3.91
CA ILE D 166 -14.75 1.51 3.87
C ILE D 166 -15.81 1.49 2.77
N MET D 167 -15.79 0.45 1.94
CA MET D 167 -16.81 0.32 0.90
C MET D 167 -17.63 -0.92 1.26
N VAL D 168 -18.95 -0.82 1.10
CA VAL D 168 -19.84 -1.93 1.42
C VAL D 168 -20.26 -2.68 0.16
N GLY D 169 -19.85 -3.94 0.06
CA GLY D 169 -20.19 -4.76 -1.09
C GLY D 169 -21.67 -5.06 -1.14
N PRO D 170 -22.16 -5.60 -2.25
CA PRO D 170 -23.58 -5.93 -2.39
C PRO D 170 -24.05 -7.00 -1.40
N ASP D 171 -23.15 -7.93 -1.05
CA ASP D 171 -23.49 -9.00 -0.13
C ASP D 171 -23.25 -8.64 1.34
N GLY D 172 -23.10 -7.35 1.63
CA GLY D 172 -22.86 -6.92 2.99
C GLY D 172 -21.39 -7.07 3.38
N GLU D 173 -20.59 -7.51 2.41
CA GLU D 173 -19.16 -7.70 2.59
C GLU D 173 -18.46 -6.35 2.71
N LEU D 174 -17.42 -6.28 3.55
CA LEU D 174 -16.68 -5.03 3.75
C LEU D 174 -15.32 -4.99 3.06
N TYR D 175 -15.01 -3.83 2.49
CA TYR D 175 -13.74 -3.61 1.77
C TYR D 175 -13.18 -2.28 2.31
N GLY D 176 -11.96 -2.30 2.85
CA GLY D 176 -11.38 -1.08 3.38
C GLY D 176 -9.99 -0.75 2.88
N ALA D 177 -9.57 0.48 3.12
CA ALA D 177 -8.25 0.92 2.70
C ALA D 177 -7.72 2.09 3.52
N SER D 178 -6.47 1.96 3.98
CA SER D 178 -5.82 3.02 4.72
C SER D 178 -4.91 3.72 3.70
N ASP D 179 -4.73 5.02 3.85
CA ASP D 179 -3.92 5.78 2.89
C ASP D 179 -2.44 5.41 2.88
N PRO D 180 -1.83 5.29 1.69
CA PRO D 180 -0.40 4.96 1.63
C PRO D 180 0.38 6.17 2.16
N ARG D 181 -0.24 7.34 2.08
CA ARG D 181 0.43 8.56 2.54
C ARG D 181 0.69 8.62 4.05
N SER D 182 -0.01 7.78 4.81
CA SER D 182 0.12 7.72 6.27
C SER D 182 0.76 6.41 6.72
N VAL D 183 1.75 6.47 7.61
CA VAL D 183 2.36 5.22 8.09
C VAL D 183 1.77 4.90 9.47
N ASP D 184 1.87 3.63 9.87
CA ASP D 184 1.38 3.15 11.16
C ASP D 184 -0.14 3.19 11.31
N ASP D 185 -0.85 3.37 10.19
CA ASP D 185 -2.31 3.41 10.23
C ASP D 185 -2.83 1.99 9.98
N LEU D 186 -4.15 1.82 9.97
CA LEU D 186 -4.68 0.48 9.78
C LEU D 186 -6.19 0.40 9.54
N THR D 187 -6.56 -0.51 8.65
CA THR D 187 -7.95 -0.80 8.40
C THR D 187 -8.00 -2.27 8.78
N ALA D 188 -8.91 -2.64 9.68
CA ALA D 188 -9.00 -4.03 10.10
C ALA D 188 -10.46 -4.32 10.44
N GLY D 189 -10.83 -5.60 10.45
CA GLY D 189 -12.18 -5.98 10.75
C GLY D 189 -12.26 -7.44 11.16
N TYR D 190 -13.46 -8.01 11.11
CA TYR D 190 -13.66 -9.40 11.48
C TYR D 190 -14.92 -9.90 10.76
#